data_3I3A
#
_entry.id   3I3A
#
_cell.length_a   108.155
_cell.length_b   108.155
_cell.length_c   116.886
_cell.angle_alpha   90.00
_cell.angle_beta   90.00
_cell.angle_gamma   120.00
#
_symmetry.space_group_name_H-M   'P 3 2 1'
#
loop_
_entity.id
_entity.type
_entity.pdbx_description
1 polymer 'Acyl-[acyl-carrier-protein]--UDP-N-acetylglucosamine O-acyltransferase'
2 non-polymer 'S-[2-({N-[(2R)-2-hydroxy-4-{[(S)-hydroxy(methoxy)phosphoryl]oxy}-3,3-dimethylbutanoyl]-beta-alanyl}amino)ethyl] (3R)-3-hydroxydodecanethioate'
3 water water
#
_entity_poly.entity_id   1
_entity_poly.type   'polypeptide(L)'
_entity_poly.pdbx_seq_one_letter_code
;MKIHPTAIIDPKAELHESVEVGPYSIIEGNVSIQEGTIIEGHVKICAGSEIGKFNRFHQGAVIGVMPQDLGFNQQLLTKT
VIGDHNIFREYSNIHKGTKEDSPTVIGNKNYFMGNSHVGHDCILGNNNILTHGAVLAGHVTLGNFAFISGLVAVHQFCFV
GDYSMVAGLAKVVQDVPPYSTVDGNPSTVVGLNSVGMKRAGFSPEVRNAIKHAYKVIYHSGISTRKALDELEASGNLIEQ
VKYIIKFFRDSDRGVTNHR
;
_entity_poly.pdbx_strand_id   A,B,C
#
# COMPACT_ATOMS: atom_id res chain seq x y z
N MET A 1 -17.02 0.27 -55.49
CA MET A 1 -18.15 0.84 -54.70
C MET A 1 -18.47 2.28 -55.15
N LYS A 2 -19.39 2.96 -54.45
CA LYS A 2 -20.04 4.15 -55.00
C LYS A 2 -19.94 5.44 -54.18
N ILE A 3 -19.52 6.50 -54.87
CA ILE A 3 -19.42 7.84 -54.33
C ILE A 3 -20.58 8.67 -54.89
N HIS A 4 -21.36 9.31 -54.01
CA HIS A 4 -22.55 10.04 -54.44
C HIS A 4 -22.25 11.26 -55.32
N PRO A 5 -23.00 11.41 -56.44
CA PRO A 5 -22.91 12.53 -57.40
C PRO A 5 -22.66 13.91 -56.78
N THR A 6 -23.37 14.22 -55.69
CA THR A 6 -23.29 15.54 -55.06
C THR A 6 -22.15 15.70 -54.04
N ALA A 7 -21.46 14.61 -53.73
CA ALA A 7 -20.33 14.67 -52.81
C ALA A 7 -19.21 15.49 -53.43
N ILE A 8 -18.61 16.35 -52.62
CA ILE A 8 -17.51 17.19 -53.07
C ILE A 8 -16.17 16.65 -52.56
N ILE A 9 -15.44 15.99 -53.45
CA ILE A 9 -14.14 15.40 -53.09
C ILE A 9 -13.01 16.03 -53.90
N ASP A 10 -12.04 16.57 -53.17
CA ASP A 10 -10.83 17.13 -53.77
C ASP A 10 -10.16 16.05 -54.61
N PRO A 11 -9.72 16.40 -55.85
CA PRO A 11 -9.01 15.49 -56.75
C PRO A 11 -7.76 14.82 -56.15
N LYS A 12 -7.12 15.48 -55.20
CA LYS A 12 -5.89 14.98 -54.57
C LYS A 12 -6.13 13.98 -53.42
N ALA A 13 -7.34 13.96 -52.87
CA ALA A 13 -7.68 12.98 -51.85
C ALA A 13 -7.50 11.55 -52.40
N GLU A 14 -6.87 10.68 -51.61
CA GLU A 14 -6.61 9.30 -52.05
C GLU A 14 -7.54 8.29 -51.36
N LEU A 15 -8.50 7.77 -52.14
CA LEU A 15 -9.53 6.87 -51.63
C LEU A 15 -9.44 5.52 -52.33
N HIS A 16 -9.31 4.44 -51.54
CA HIS A 16 -9.41 3.09 -52.09
C HIS A 16 -10.70 3.00 -52.90
N GLU A 17 -10.70 2.16 -53.95
N GLU A 17 -10.69 2.16 -53.94
CA GLU A 17 -11.86 2.06 -54.84
CA GLU A 17 -11.85 2.03 -54.84
C GLU A 17 -13.12 1.53 -54.17
C GLU A 17 -13.12 1.54 -54.16
N SER A 18 -12.96 0.88 -53.02
CA SER A 18 -14.10 0.33 -52.28
C SER A 18 -14.83 1.39 -51.42
N VAL A 19 -14.19 2.53 -51.19
CA VAL A 19 -14.75 3.60 -50.33
C VAL A 19 -16.07 4.17 -50.87
N GLU A 20 -17.06 4.21 -49.99
CA GLU A 20 -18.37 4.79 -50.27
C GLU A 20 -18.50 6.15 -49.57
N VAL A 21 -19.04 7.11 -50.30
CA VAL A 21 -19.22 8.48 -49.80
C VAL A 21 -20.64 8.90 -50.13
N GLY A 22 -21.41 9.29 -49.11
CA GLY A 22 -22.81 9.59 -49.29
C GLY A 22 -23.06 11.03 -49.71
N PRO A 23 -24.35 11.41 -49.86
CA PRO A 23 -24.81 12.71 -50.33
C PRO A 23 -24.29 13.92 -49.57
N TYR A 24 -23.77 14.90 -50.31
CA TYR A 24 -23.41 16.22 -49.79
C TYR A 24 -22.27 16.21 -48.75
N SER A 25 -21.44 15.16 -48.79
CA SER A 25 -20.24 15.06 -47.95
C SER A 25 -19.06 15.75 -48.64
N ILE A 26 -18.14 16.24 -47.83
CA ILE A 26 -17.04 17.07 -48.30
C ILE A 26 -15.70 16.50 -47.88
N ILE A 27 -14.90 16.11 -48.86
CA ILE A 27 -13.57 15.56 -48.56
C ILE A 27 -12.50 16.46 -49.17
N GLU A 28 -11.60 16.94 -48.31
CA GLU A 28 -10.61 17.93 -48.73
C GLU A 28 -9.35 17.25 -49.26
N GLY A 29 -8.39 18.06 -49.70
CA GLY A 29 -7.09 17.55 -50.14
C GLY A 29 -6.29 17.07 -48.95
N ASN A 30 -5.16 16.41 -49.23
CA ASN A 30 -4.28 15.87 -48.18
C ASN A 30 -5.01 14.90 -47.26
N VAL A 31 -5.80 14.02 -47.88
CA VAL A 31 -6.59 13.02 -47.16
C VAL A 31 -6.35 11.65 -47.79
N SER A 32 -6.21 10.65 -46.92
N SER A 32 -6.23 10.65 -46.92
CA SER A 32 -6.12 9.26 -47.37
CA SER A 32 -6.13 9.27 -47.36
C SER A 32 -7.14 8.41 -46.63
C SER A 32 -7.15 8.42 -46.62
N ILE A 33 -7.83 7.54 -47.37
CA ILE A 33 -8.90 6.70 -46.81
C ILE A 33 -8.76 5.30 -47.36
N GLN A 34 -8.47 4.35 -46.49
CA GLN A 34 -8.16 2.98 -46.91
C GLN A 34 -9.40 2.09 -47.11
N GLU A 35 -9.15 0.81 -47.35
CA GLU A 35 -10.17 -0.12 -47.86
C GLU A 35 -11.40 -0.31 -46.96
N GLY A 36 -12.58 -0.27 -47.56
CA GLY A 36 -13.83 -0.66 -46.88
C GLY A 36 -14.47 0.39 -46.00
N THR A 37 -13.89 1.59 -45.98
CA THR A 37 -14.46 2.69 -45.20
C THR A 37 -15.71 3.25 -45.87
N ILE A 38 -16.75 3.45 -45.06
CA ILE A 38 -18.02 4.00 -45.55
C ILE A 38 -18.29 5.37 -44.89
N ILE A 39 -18.60 6.36 -45.73
CA ILE A 39 -18.92 7.72 -45.32
C ILE A 39 -20.34 8.01 -45.75
N GLU A 40 -21.21 8.41 -44.81
CA GLU A 40 -22.62 8.70 -45.15
C GLU A 40 -22.73 10.20 -45.46
N GLY A 41 -23.95 10.68 -45.73
CA GLY A 41 -24.16 12.09 -46.03
C GLY A 41 -23.77 13.19 -45.06
N HIS A 42 -23.51 14.39 -45.60
CA HIS A 42 -23.17 15.59 -44.81
C HIS A 42 -21.95 15.42 -43.90
N VAL A 43 -21.08 14.49 -44.25
CA VAL A 43 -19.85 14.24 -43.49
C VAL A 43 -18.75 15.14 -44.03
N LYS A 44 -17.89 15.64 -43.14
CA LYS A 44 -16.74 16.44 -43.55
C LYS A 44 -15.41 15.82 -43.10
N ILE A 45 -14.55 15.56 -44.08
CA ILE A 45 -13.21 15.03 -43.84
C ILE A 45 -12.19 16.09 -44.25
N CYS A 46 -11.46 16.62 -43.26
CA CYS A 46 -10.61 17.79 -43.48
C CYS A 46 -9.21 17.40 -43.88
N ALA A 47 -8.48 18.36 -44.46
CA ALA A 47 -7.06 18.17 -44.77
C ALA A 47 -6.31 17.61 -43.57
N GLY A 48 -5.47 16.61 -43.82
CA GLY A 48 -4.62 16.03 -42.80
C GLY A 48 -5.14 14.70 -42.31
N SER A 49 -6.33 14.32 -42.77
CA SER A 49 -6.95 13.08 -42.31
C SER A 49 -6.33 11.83 -42.95
N GLU A 50 -5.79 10.94 -42.10
CA GLU A 50 -5.28 9.63 -42.51
C GLU A 50 -6.23 8.60 -41.95
N ILE A 51 -6.98 7.93 -42.82
CA ILE A 51 -8.06 7.05 -42.35
C ILE A 51 -7.85 5.61 -42.79
N GLY A 52 -7.91 4.69 -41.82
CA GLY A 52 -7.63 3.29 -42.04
C GLY A 52 -8.75 2.52 -42.72
N LYS A 53 -8.81 1.22 -42.44
CA LYS A 53 -9.73 0.32 -43.13
C LYS A 53 -11.03 0.11 -42.37
N PHE A 54 -12.11 -0.14 -43.11
CA PHE A 54 -13.43 -0.49 -42.54
C PHE A 54 -13.92 0.44 -41.42
N ASN A 55 -13.66 1.73 -41.57
CA ASN A 55 -14.28 2.72 -40.68
C ASN A 55 -15.68 3.11 -41.16
N ARG A 56 -16.51 3.61 -40.26
CA ARG A 56 -17.78 4.19 -40.67
C ARG A 56 -17.96 5.60 -40.13
N PHE A 57 -18.40 6.49 -41.01
CA PHE A 57 -18.67 7.87 -40.62
C PHE A 57 -20.14 8.16 -40.87
N HIS A 58 -20.89 8.29 -39.79
CA HIS A 58 -22.35 8.55 -39.86
C HIS A 58 -22.62 10.01 -40.16
N GLN A 59 -23.84 10.29 -40.62
CA GLN A 59 -24.24 11.63 -41.06
C GLN A 59 -23.76 12.78 -40.17
N GLY A 60 -23.12 13.76 -40.79
CA GLY A 60 -22.74 15.00 -40.12
C GLY A 60 -21.49 14.93 -39.26
N ALA A 61 -20.87 13.75 -39.18
CA ALA A 61 -19.60 13.62 -38.47
C ALA A 61 -18.56 14.53 -39.12
N VAL A 62 -17.78 15.23 -38.29
CA VAL A 62 -16.73 16.11 -38.79
C VAL A 62 -15.35 15.66 -38.29
N ILE A 63 -14.43 15.42 -39.22
CA ILE A 63 -13.14 14.79 -38.94
C ILE A 63 -11.97 15.70 -39.31
N GLY A 64 -11.12 16.00 -38.34
CA GLY A 64 -9.95 16.82 -38.57
C GLY A 64 -10.21 18.32 -38.65
N VAL A 65 -11.31 18.77 -38.05
CA VAL A 65 -11.62 20.21 -38.01
C VAL A 65 -10.54 20.98 -37.22
N MET A 66 -10.44 22.29 -37.43
CA MET A 66 -9.46 23.14 -36.74
C MET A 66 -9.54 22.99 -35.22
N PRO A 67 -8.38 22.91 -34.54
CA PRO A 67 -8.34 22.89 -33.06
C PRO A 67 -9.10 24.05 -32.43
N GLN A 68 -9.77 23.77 -31.32
CA GLN A 68 -10.40 24.83 -30.54
C GLN A 68 -9.33 25.34 -29.57
N ASP A 69 -8.42 26.13 -30.13
CA ASP A 69 -7.20 26.58 -29.46
C ASP A 69 -6.92 27.96 -30.05
N LEU A 70 -7.03 28.99 -29.21
CA LEU A 70 -6.91 30.38 -29.65
C LEU A 70 -5.53 30.72 -30.23
N GLY A 71 -4.50 30.03 -29.73
CA GLY A 71 -3.12 30.32 -30.15
C GLY A 71 -2.62 29.53 -31.34
N PHE A 72 -3.42 28.55 -31.79
CA PHE A 72 -3.03 27.68 -32.90
C PHE A 72 -3.02 28.42 -34.24
N ASN A 73 -1.93 28.24 -34.98
CA ASN A 73 -1.74 28.87 -36.29
C ASN A 73 -2.43 28.00 -37.35
N GLN A 74 -3.47 28.55 -37.98
CA GLN A 74 -4.33 27.77 -38.87
C GLN A 74 -3.73 27.50 -40.26
N GLN A 75 -2.55 28.07 -40.52
CA GLN A 75 -1.81 27.82 -41.75
C GLN A 75 -0.98 26.52 -41.69
N LEU A 76 -0.89 25.93 -40.49
CA LEU A 76 -0.09 24.72 -40.27
C LEU A 76 -0.74 23.43 -40.77
N LEU A 77 0.08 22.56 -41.34
CA LEU A 77 -0.38 21.29 -41.88
C LEU A 77 -0.34 20.20 -40.80
N THR A 78 -1.42 20.08 -40.04
CA THR A 78 -1.49 19.10 -38.96
C THR A 78 -2.48 17.99 -39.30
N LYS A 79 -2.44 16.92 -38.53
CA LYS A 79 -3.03 15.66 -38.96
C LYS A 79 -3.96 15.04 -37.94
N THR A 80 -4.86 14.21 -38.46
CA THR A 80 -5.72 13.34 -37.69
C THR A 80 -5.47 11.93 -38.20
N VAL A 81 -5.07 11.05 -37.30
CA VAL A 81 -4.68 9.69 -37.63
C VAL A 81 -5.74 8.76 -37.05
N ILE A 82 -6.41 8.01 -37.91
CA ILE A 82 -7.48 7.10 -37.51
C ILE A 82 -7.19 5.69 -38.03
N GLY A 83 -7.31 4.69 -37.14
CA GLY A 83 -6.98 3.31 -37.46
C GLY A 83 -8.10 2.58 -38.18
N ASP A 84 -8.34 1.33 -37.80
CA ASP A 84 -9.30 0.49 -38.50
C ASP A 84 -10.58 0.22 -37.68
N HIS A 85 -11.67 -0.06 -38.37
CA HIS A 85 -12.91 -0.55 -37.74
C HIS A 85 -13.45 0.39 -36.64
N ASN A 86 -13.26 1.70 -36.84
CA ASN A 86 -13.83 2.71 -35.96
C ASN A 86 -15.20 3.16 -36.44
N ILE A 87 -16.07 3.48 -35.49
CA ILE A 87 -17.41 3.97 -35.78
C ILE A 87 -17.59 5.38 -35.20
N PHE A 88 -17.82 6.35 -36.08
CA PHE A 88 -18.07 7.72 -35.69
C PHE A 88 -19.54 8.00 -35.96
N ARG A 89 -20.29 8.21 -34.88
CA ARG A 89 -21.74 8.41 -34.99
C ARG A 89 -22.08 9.84 -35.37
N GLU A 90 -23.38 10.12 -35.47
CA GLU A 90 -23.86 11.36 -36.08
C GLU A 90 -23.40 12.61 -35.33
N TYR A 91 -22.85 13.56 -36.08
CA TYR A 91 -22.41 14.86 -35.53
C TYR A 91 -21.28 14.75 -34.50
N SER A 92 -20.66 13.56 -34.43
CA SER A 92 -19.41 13.39 -33.67
C SER A 92 -18.35 14.29 -34.32
N ASN A 93 -17.39 14.73 -33.51
N ASN A 93 -17.42 14.79 -33.51
CA ASN A 93 -16.52 15.83 -33.87
CA ASN A 93 -16.50 15.81 -33.98
C ASN A 93 -15.07 15.52 -33.44
C ASN A 93 -15.09 15.62 -33.47
N ILE A 94 -14.18 15.33 -34.40
CA ILE A 94 -12.79 15.01 -34.11
C ILE A 94 -11.86 16.11 -34.61
N HIS A 95 -11.07 16.67 -33.71
CA HIS A 95 -10.16 17.76 -34.04
C HIS A 95 -8.76 17.25 -34.34
N LYS A 96 -8.11 17.88 -35.33
CA LYS A 96 -6.73 17.57 -35.70
C LYS A 96 -5.75 18.14 -34.68
N GLY A 97 -4.49 17.74 -34.77
CA GLY A 97 -3.45 18.18 -33.84
C GLY A 97 -2.98 19.61 -34.02
N THR A 98 -2.05 20.03 -33.18
CA THR A 98 -1.58 21.42 -33.17
C THR A 98 -0.14 21.61 -33.65
N LYS A 99 0.58 20.52 -33.81
CA LYS A 99 1.93 20.57 -34.41
C LYS A 99 2.11 19.46 -35.44
N GLU A 100 3.03 19.71 -36.37
CA GLU A 100 3.39 18.76 -37.44
C GLU A 100 3.58 17.34 -36.92
N ASP A 101 4.42 17.19 -35.91
CA ASP A 101 4.76 15.90 -35.32
C ASP A 101 3.84 15.51 -34.17
N SER A 102 2.75 16.27 -34.00
CA SER A 102 1.75 16.02 -32.95
C SER A 102 0.33 15.89 -33.52
N PRO A 103 -0.03 14.71 -34.07
CA PRO A 103 -1.40 14.49 -34.56
C PRO A 103 -2.37 14.10 -33.45
N THR A 104 -3.67 14.17 -33.76
CA THR A 104 -4.68 13.45 -33.01
C THR A 104 -4.67 12.00 -33.50
N VAL A 105 -4.56 11.08 -32.55
CA VAL A 105 -4.39 9.65 -32.87
C VAL A 105 -5.53 8.84 -32.29
N ILE A 106 -6.18 8.10 -33.17
CA ILE A 106 -7.22 7.12 -32.80
C ILE A 106 -6.77 5.73 -33.32
N GLY A 107 -6.80 4.74 -32.44
CA GLY A 107 -6.41 3.38 -32.80
C GLY A 107 -7.52 2.65 -33.55
N ASN A 108 -7.81 1.43 -33.13
CA ASN A 108 -8.78 0.59 -33.85
C ASN A 108 -10.00 0.25 -33.00
N LYS A 109 -11.13 -0.01 -33.66
CA LYS A 109 -12.33 -0.60 -33.03
C LYS A 109 -12.93 0.29 -31.93
N ASN A 110 -12.69 1.59 -32.04
CA ASN A 110 -13.29 2.56 -31.14
C ASN A 110 -14.69 2.97 -31.58
N TYR A 111 -15.51 3.38 -30.61
CA TYR A 111 -16.88 3.80 -30.90
C TYR A 111 -17.10 5.23 -30.39
N PHE A 112 -17.37 6.14 -31.32
CA PHE A 112 -17.66 7.52 -30.94
C PHE A 112 -19.13 7.78 -31.18
N MET A 113 -19.87 7.91 -30.09
CA MET A 113 -21.32 8.07 -30.17
C MET A 113 -21.72 9.46 -30.64
N GLY A 114 -23.01 9.63 -30.97
CA GLY A 114 -23.50 10.90 -31.51
C GLY A 114 -23.08 12.08 -30.64
N ASN A 115 -22.71 13.17 -31.28
CA ASN A 115 -22.36 14.40 -30.57
C ASN A 115 -21.11 14.32 -29.69
N SER A 116 -20.39 13.20 -29.72
CA SER A 116 -19.17 13.08 -28.91
C SER A 116 -18.04 13.88 -29.55
N HIS A 117 -17.08 14.31 -28.73
CA HIS A 117 -16.02 15.21 -29.16
C HIS A 117 -14.62 14.77 -28.70
N VAL A 118 -13.67 14.75 -29.66
CA VAL A 118 -12.27 14.50 -29.34
C VAL A 118 -11.42 15.76 -29.67
N GLY A 119 -10.92 16.42 -28.63
CA GLY A 119 -10.10 17.64 -28.76
C GLY A 119 -8.70 17.45 -29.36
N HIS A 120 -8.11 18.56 -29.82
CA HIS A 120 -6.79 18.57 -30.44
C HIS A 120 -5.75 17.78 -29.64
N ASP A 121 -4.96 16.96 -30.35
CA ASP A 121 -3.82 16.22 -29.78
C ASP A 121 -4.16 15.10 -28.79
N CYS A 122 -5.43 14.69 -28.71
CA CYS A 122 -5.77 13.50 -27.93
C CYS A 122 -5.11 12.28 -28.54
N ILE A 123 -4.83 11.28 -27.69
CA ILE A 123 -4.28 9.99 -28.12
C ILE A 123 -5.16 8.89 -27.57
N LEU A 124 -5.64 8.00 -28.44
CA LEU A 124 -6.62 6.98 -28.07
C LEU A 124 -6.24 5.62 -28.63
N GLY A 125 -6.18 4.60 -27.77
CA GLY A 125 -5.82 3.26 -28.19
C GLY A 125 -6.95 2.54 -28.89
N ASN A 126 -7.28 1.36 -28.41
CA ASN A 126 -8.19 0.46 -29.10
C ASN A 126 -9.43 0.14 -28.27
N ASN A 127 -10.56 -0.08 -28.95
CA ASN A 127 -11.77 -0.62 -28.34
C ASN A 127 -12.38 0.27 -27.25
N ASN A 128 -12.09 1.56 -27.32
CA ASN A 128 -12.69 2.53 -26.40
C ASN A 128 -14.09 2.95 -26.83
N ILE A 129 -14.92 3.36 -25.87
CA ILE A 129 -16.27 3.82 -26.16
C ILE A 129 -16.47 5.25 -25.63
N LEU A 130 -16.75 6.17 -26.53
CA LEU A 130 -17.10 7.54 -26.14
C LEU A 130 -18.60 7.71 -26.31
N THR A 131 -19.31 7.75 -25.19
CA THR A 131 -20.78 7.78 -25.18
C THR A 131 -21.35 9.16 -25.57
N HIS A 132 -22.66 9.19 -25.86
CA HIS A 132 -23.33 10.35 -26.42
C HIS A 132 -23.03 11.65 -25.66
N GLY A 133 -22.60 12.67 -26.40
CA GLY A 133 -22.39 13.99 -25.83
C GLY A 133 -21.13 14.18 -25.00
N ALA A 134 -20.31 13.14 -24.86
CA ALA A 134 -19.10 13.24 -24.04
C ALA A 134 -17.98 14.04 -24.75
N VAL A 135 -17.23 14.79 -23.96
CA VAL A 135 -16.23 15.69 -24.50
C VAL A 135 -14.87 15.40 -23.86
N LEU A 136 -13.87 15.19 -24.73
CA LEU A 136 -12.49 15.14 -24.29
C LEU A 136 -11.86 16.49 -24.66
N ALA A 137 -11.23 17.13 -23.69
CA ALA A 137 -10.45 18.34 -23.96
C ALA A 137 -9.25 17.98 -24.81
N GLY A 138 -8.47 18.98 -25.21
CA GLY A 138 -7.20 18.74 -25.90
C GLY A 138 -6.26 17.92 -25.02
N HIS A 139 -5.35 17.18 -25.66
CA HIS A 139 -4.33 16.39 -24.97
C HIS A 139 -4.89 15.43 -23.91
N VAL A 140 -6.00 14.77 -24.21
CA VAL A 140 -6.47 13.69 -23.33
C VAL A 140 -6.00 12.35 -23.92
N THR A 141 -5.52 11.46 -23.05
CA THR A 141 -5.01 10.15 -23.46
C THR A 141 -5.88 9.00 -22.92
N LEU A 142 -6.38 8.18 -23.84
CA LEU A 142 -7.05 6.94 -23.49
C LEU A 142 -6.21 5.75 -23.92
N GLY A 143 -6.20 4.73 -23.06
CA GLY A 143 -5.57 3.46 -23.33
C GLY A 143 -6.44 2.63 -24.22
N ASN A 144 -6.67 1.39 -23.80
CA ASN A 144 -7.52 0.45 -24.53
C ASN A 144 -8.72 0.07 -23.67
N PHE A 145 -9.88 -0.13 -24.30
CA PHE A 145 -11.08 -0.67 -23.64
C PHE A 145 -11.61 0.20 -22.49
N ALA A 146 -11.38 1.51 -22.59
CA ALA A 146 -11.94 2.48 -21.63
C ALA A 146 -13.38 2.81 -22.02
N PHE A 147 -14.24 3.02 -21.03
CA PHE A 147 -15.62 3.35 -21.30
C PHE A 147 -15.95 4.68 -20.66
N ILE A 148 -16.25 5.66 -21.51
CA ILE A 148 -16.61 7.02 -21.10
C ILE A 148 -18.10 7.15 -21.30
N SER A 149 -18.85 7.36 -20.23
CA SER A 149 -20.32 7.45 -20.33
C SER A 149 -20.82 8.79 -20.87
N GLY A 150 -22.14 8.93 -20.97
CA GLY A 150 -22.74 10.11 -21.60
C GLY A 150 -22.50 11.41 -20.83
N LEU A 151 -22.28 12.49 -21.59
CA LEU A 151 -22.12 13.84 -21.04
C LEU A 151 -21.01 13.97 -19.98
N VAL A 152 -19.93 13.22 -20.18
CA VAL A 152 -18.73 13.35 -19.37
C VAL A 152 -17.85 14.40 -20.04
N ALA A 153 -17.17 15.19 -19.20
CA ALA A 153 -16.12 16.07 -19.64
C ALA A 153 -14.77 15.64 -19.03
N VAL A 154 -13.77 15.43 -19.87
CA VAL A 154 -12.44 15.10 -19.39
C VAL A 154 -11.46 16.26 -19.62
N HIS A 155 -10.88 16.73 -18.52
CA HIS A 155 -9.91 17.81 -18.52
C HIS A 155 -8.67 17.48 -19.35
N GLN A 156 -8.08 18.50 -19.96
CA GLN A 156 -6.85 18.37 -20.73
C GLN A 156 -5.70 17.81 -19.89
N PHE A 157 -4.88 17.00 -20.55
CA PHE A 157 -3.68 16.35 -19.97
C PHE A 157 -3.94 15.22 -18.98
N CYS A 158 -5.19 14.76 -18.89
CA CYS A 158 -5.52 13.59 -18.08
C CYS A 158 -5.26 12.31 -18.86
N PHE A 159 -5.00 11.23 -18.12
CA PHE A 159 -4.82 9.90 -18.68
C PHE A 159 -5.96 9.01 -18.19
N VAL A 160 -6.54 8.24 -19.11
CA VAL A 160 -7.60 7.29 -18.77
C VAL A 160 -7.04 5.87 -19.00
N GLY A 161 -6.90 5.12 -17.91
CA GLY A 161 -6.25 3.80 -17.97
C GLY A 161 -7.07 2.73 -18.66
N ASP A 162 -6.39 1.64 -19.05
CA ASP A 162 -7.08 0.49 -19.66
C ASP A 162 -8.27 0.01 -18.83
N TYR A 163 -9.35 -0.35 -19.50
CA TYR A 163 -10.47 -1.07 -18.87
C TYR A 163 -11.12 -0.29 -17.73
N SER A 164 -11.13 1.02 -17.86
CA SER A 164 -11.75 1.88 -16.86
C SER A 164 -13.18 2.26 -17.25
N MET A 165 -13.97 2.67 -16.26
CA MET A 165 -15.30 3.19 -16.49
C MET A 165 -15.41 4.63 -15.94
N VAL A 166 -15.86 5.55 -16.79
CA VAL A 166 -16.31 6.87 -16.32
C VAL A 166 -17.83 7.01 -16.45
N ALA A 167 -18.49 7.20 -15.30
CA ALA A 167 -19.96 7.26 -15.22
C ALA A 167 -20.56 8.51 -15.85
N GLY A 168 -21.85 8.44 -16.17
CA GLY A 168 -22.57 9.55 -16.78
C GLY A 168 -22.32 10.86 -16.06
N LEU A 169 -22.03 11.92 -16.83
CA LEU A 169 -21.94 13.28 -16.27
C LEU A 169 -20.79 13.52 -15.29
N ALA A 170 -19.81 12.63 -15.26
CA ALA A 170 -18.66 12.82 -14.37
C ALA A 170 -17.78 13.96 -14.89
N LYS A 171 -17.28 14.75 -13.95
CA LYS A 171 -16.35 15.82 -14.29
C LYS A 171 -14.95 15.33 -13.93
N VAL A 172 -14.18 14.97 -14.94
CA VAL A 172 -12.86 14.39 -14.71
C VAL A 172 -11.80 15.47 -14.83
N VAL A 173 -11.08 15.70 -13.72
CA VAL A 173 -10.01 16.71 -13.66
C VAL A 173 -8.62 16.12 -13.44
N GLN A 174 -8.56 14.85 -13.08
CA GLN A 174 -7.31 14.10 -12.87
C GLN A 174 -7.43 12.71 -13.50
N ASP A 175 -6.36 11.93 -13.44
CA ASP A 175 -6.31 10.67 -14.17
C ASP A 175 -7.37 9.67 -13.71
N VAL A 176 -7.85 8.87 -14.64
CA VAL A 176 -8.73 7.75 -14.36
C VAL A 176 -7.89 6.46 -14.34
N PRO A 177 -7.71 5.84 -13.14
CA PRO A 177 -6.79 4.70 -13.05
C PRO A 177 -7.31 3.43 -13.74
N PRO A 178 -6.39 2.56 -14.18
CA PRO A 178 -6.84 1.38 -14.92
C PRO A 178 -7.68 0.45 -14.05
N TYR A 179 -8.63 -0.23 -14.69
CA TYR A 179 -9.49 -1.24 -14.07
C TYR A 179 -10.47 -0.64 -13.06
N SER A 180 -10.60 0.68 -13.06
CA SER A 180 -11.37 1.40 -12.03
C SER A 180 -12.59 2.17 -12.57
N THR A 181 -13.50 2.52 -11.65
CA THR A 181 -14.67 3.33 -11.98
C THR A 181 -14.57 4.68 -11.31
N VAL A 182 -14.82 5.74 -12.10
CA VAL A 182 -14.81 7.12 -11.62
C VAL A 182 -16.20 7.71 -11.82
N ASP A 183 -16.66 8.47 -10.82
CA ASP A 183 -18.00 9.04 -10.84
C ASP A 183 -18.12 10.34 -10.03
N GLY A 184 -18.94 11.25 -10.55
CA GLY A 184 -19.41 12.41 -9.80
C GLY A 184 -18.89 13.76 -10.25
N ASN A 185 -19.34 14.79 -9.53
CA ASN A 185 -18.80 16.14 -9.65
C ASN A 185 -18.83 16.77 -8.26
N PRO A 186 -17.67 16.82 -7.56
CA PRO A 186 -16.36 16.35 -8.02
C PRO A 186 -16.32 14.83 -8.13
N SER A 187 -15.59 14.35 -9.14
CA SER A 187 -15.47 12.93 -9.39
C SER A 187 -14.48 12.28 -8.41
N THR A 188 -14.72 11.00 -8.14
CA THR A 188 -13.88 10.18 -7.28
C THR A 188 -13.77 8.79 -7.90
N VAL A 189 -12.71 8.07 -7.52
CA VAL A 189 -12.60 6.66 -7.84
C VAL A 189 -13.54 5.96 -6.86
N VAL A 190 -14.56 5.30 -7.39
CA VAL A 190 -15.55 4.63 -6.57
C VAL A 190 -15.09 3.20 -6.18
N GLY A 191 -14.30 2.58 -7.04
CA GLY A 191 -13.89 1.19 -6.88
C GLY A 191 -13.43 0.58 -8.19
N LEU A 192 -13.38 -0.75 -8.21
CA LEU A 192 -12.94 -1.49 -9.38
C LEU A 192 -14.03 -1.58 -10.42
N ASN A 193 -13.61 -1.65 -11.68
CA ASN A 193 -14.50 -1.83 -12.82
C ASN A 193 -14.60 -3.33 -13.10
N SER A 194 -15.22 -4.05 -12.17
CA SER A 194 -15.35 -5.50 -12.25
C SER A 194 -16.13 -5.95 -13.49
N VAL A 195 -17.12 -5.14 -13.88
CA VAL A 195 -17.91 -5.40 -15.10
C VAL A 195 -17.00 -5.42 -16.35
N GLY A 196 -16.09 -4.46 -16.43
CA GLY A 196 -15.15 -4.39 -17.54
C GLY A 196 -14.11 -5.49 -17.51
N MET A 197 -13.66 -5.86 -16.32
CA MET A 197 -12.69 -6.96 -16.18
C MET A 197 -13.27 -8.33 -16.50
N LYS A 198 -14.51 -8.57 -16.07
CA LYS A 198 -15.20 -9.86 -16.30
C LYS A 198 -15.54 -10.06 -17.77
N ARG A 199 -16.08 -9.03 -18.40
CA ARG A 199 -16.38 -9.04 -19.84
C ARG A 199 -15.10 -9.25 -20.65
N ALA A 200 -14.00 -8.61 -20.21
CA ALA A 200 -12.69 -8.83 -20.83
C ALA A 200 -12.18 -10.26 -20.65
N GLY A 201 -12.67 -10.95 -19.63
CA GLY A 201 -12.27 -12.33 -19.35
C GLY A 201 -10.94 -12.44 -18.61
N PHE A 202 -10.67 -11.47 -17.74
CA PHE A 202 -9.57 -11.57 -16.78
C PHE A 202 -9.84 -12.77 -15.88
N SER A 203 -8.82 -13.60 -15.67
CA SER A 203 -8.94 -14.72 -14.74
C SER A 203 -9.29 -14.20 -13.35
N PRO A 204 -9.94 -15.04 -12.52
CA PRO A 204 -10.18 -14.64 -11.13
C PRO A 204 -8.89 -14.28 -10.38
N GLU A 205 -7.78 -14.92 -10.73
CA GLU A 205 -6.48 -14.66 -10.10
C GLU A 205 -5.93 -13.28 -10.46
N VAL A 206 -6.05 -12.88 -11.72
CA VAL A 206 -5.68 -11.53 -12.19
C VAL A 206 -6.60 -10.47 -11.58
N ARG A 207 -7.91 -10.73 -11.59
CA ARG A 207 -8.86 -9.82 -10.98
C ARG A 207 -8.57 -9.60 -9.48
N ASN A 208 -8.28 -10.69 -8.77
CA ASN A 208 -7.89 -10.61 -7.35
C ASN A 208 -6.55 -9.91 -7.11
N ALA A 209 -5.63 -10.02 -8.07
CA ALA A 209 -4.32 -9.38 -7.95
C ALA A 209 -4.42 -7.87 -8.22
N ILE A 210 -5.32 -7.48 -9.14
CA ILE A 210 -5.67 -6.06 -9.33
C ILE A 210 -6.38 -5.51 -8.09
N LYS A 211 -7.32 -6.30 -7.54
CA LYS A 211 -7.98 -5.96 -6.27
C LYS A 211 -7.00 -5.70 -5.13
N HIS A 212 -6.06 -6.63 -4.93
CA HIS A 212 -5.01 -6.50 -3.93
C HIS A 212 -4.17 -5.24 -4.05
N ALA A 213 -3.72 -4.94 -5.27
CA ALA A 213 -2.98 -3.70 -5.53
C ALA A 213 -3.74 -2.47 -5.03
N TYR A 214 -4.98 -2.32 -5.44
CA TYR A 214 -5.80 -1.18 -5.03
C TYR A 214 -6.24 -1.24 -3.56
N LYS A 215 -6.22 -2.43 -2.96
CA LYS A 215 -6.44 -2.56 -1.53
C LYS A 215 -5.29 -1.88 -0.80
N VAL A 216 -4.07 -2.19 -1.22
CA VAL A 216 -2.87 -1.56 -0.66
C VAL A 216 -2.90 -0.03 -0.89
N ILE A 217 -3.16 0.37 -2.14
CA ILE A 217 -3.19 1.80 -2.54
C ILE A 217 -4.24 2.63 -1.78
N TYR A 218 -5.46 2.10 -1.66
CA TYR A 218 -6.62 2.89 -1.29
C TYR A 218 -7.31 2.47 0.01
N HIS A 219 -7.03 1.25 0.46
CA HIS A 219 -7.75 0.70 1.59
C HIS A 219 -6.87 0.15 2.70
N SER A 220 -5.67 0.72 2.89
CA SER A 220 -4.74 0.24 3.92
C SER A 220 -4.19 1.32 4.85
N GLY A 221 -4.83 2.50 4.85
CA GLY A 221 -4.44 3.59 5.77
C GLY A 221 -3.01 4.08 5.62
N ILE A 222 -2.54 4.15 4.38
CA ILE A 222 -1.18 4.60 4.06
C ILE A 222 -1.21 5.49 2.80
N SER A 223 -0.27 6.43 2.72
CA SER A 223 -0.15 7.32 1.57
C SER A 223 0.09 6.55 0.29
N THR A 224 -0.20 7.18 -0.83
CA THR A 224 -0.08 6.53 -2.13
C THR A 224 1.38 6.27 -2.48
N ARG A 225 2.28 7.18 -2.10
CA ARG A 225 3.71 6.99 -2.31
C ARG A 225 4.25 5.78 -1.54
N LYS A 226 3.90 5.65 -0.27
CA LYS A 226 4.23 4.46 0.55
C LYS A 226 3.61 3.18 -0.02
N ALA A 227 2.37 3.28 -0.49
CA ALA A 227 1.64 2.13 -1.04
C ALA A 227 2.34 1.53 -2.25
N LEU A 228 2.85 2.39 -3.15
CA LEU A 228 3.46 1.93 -4.39
C LEU A 228 4.79 1.26 -4.09
N ASP A 229 5.52 1.82 -3.11
CA ASP A 229 6.75 1.21 -2.60
C ASP A 229 6.50 -0.16 -2.00
N GLU A 230 5.39 -0.29 -1.26
CA GLU A 230 5.04 -1.55 -0.62
C GLU A 230 4.81 -2.64 -1.65
N LEU A 231 4.08 -2.30 -2.72
CA LEU A 231 3.73 -3.26 -3.78
C LEU A 231 4.95 -3.78 -4.54
N GLU A 232 5.90 -2.91 -4.81
CA GLU A 232 7.15 -3.27 -5.50
C GLU A 232 8.02 -4.20 -4.67
N ALA A 233 8.00 -3.99 -3.36
CA ALA A 233 8.84 -4.77 -2.45
C ALA A 233 8.20 -6.11 -2.09
N SER A 234 7.01 -6.38 -2.63
CA SER A 234 6.24 -7.58 -2.27
C SER A 234 6.60 -8.86 -3.05
N GLY A 235 7.16 -8.70 -4.25
CA GLY A 235 7.57 -9.84 -5.08
C GLY A 235 7.25 -9.65 -6.55
N ASN A 236 7.43 -10.71 -7.33
CA ASN A 236 7.22 -10.67 -8.79
C ASN A 236 5.75 -10.45 -9.15
N LEU A 237 5.46 -9.26 -9.68
CA LEU A 237 4.08 -8.85 -9.95
C LEU A 237 3.63 -9.23 -11.35
N ILE A 238 2.31 -9.34 -11.53
CA ILE A 238 1.74 -9.57 -12.85
C ILE A 238 1.79 -8.27 -13.64
N GLU A 239 1.92 -8.38 -14.96
CA GLU A 239 1.91 -7.24 -15.88
C GLU A 239 0.89 -6.14 -15.55
N GLN A 240 -0.34 -6.54 -15.21
CA GLN A 240 -1.42 -5.58 -14.90
C GLN A 240 -1.12 -4.71 -13.69
N VAL A 241 -0.49 -5.30 -12.67
CA VAL A 241 -0.16 -4.57 -11.44
C VAL A 241 1.07 -3.70 -11.66
N LYS A 242 2.03 -4.21 -12.44
CA LYS A 242 3.17 -3.41 -12.88
C LYS A 242 2.68 -2.15 -13.60
N TYR A 243 1.64 -2.30 -14.42
CA TYR A 243 1.02 -1.21 -15.16
C TYR A 243 0.33 -0.20 -14.24
N ILE A 244 -0.41 -0.67 -13.24
CA ILE A 244 -1.00 0.21 -12.22
C ILE A 244 0.07 1.10 -11.55
N ILE A 245 1.16 0.46 -11.09
CA ILE A 245 2.27 1.19 -10.45
C ILE A 245 2.85 2.26 -11.36
N LYS A 246 3.15 1.90 -12.61
CA LYS A 246 3.68 2.83 -13.61
C LYS A 246 2.73 3.99 -13.89
N PHE A 247 1.45 3.70 -13.99
CA PHE A 247 0.42 4.69 -14.27
C PHE A 247 0.39 5.74 -13.15
N PHE A 248 0.47 5.29 -11.91
CA PHE A 248 0.54 6.21 -10.77
C PHE A 248 1.83 7.04 -10.73
N ARG A 249 2.97 6.42 -11.06
CA ARG A 249 4.27 7.10 -10.96
C ARG A 249 4.44 8.16 -12.04
N ASP A 250 3.89 7.89 -13.22
CA ASP A 250 4.10 8.73 -14.40
C ASP A 250 3.03 9.78 -14.59
N SER A 251 2.07 9.81 -13.68
CA SER A 251 0.96 10.76 -13.78
C SER A 251 1.45 12.20 -13.82
N ASP A 252 0.88 12.98 -14.73
N ASP A 252 0.91 12.96 -14.77
CA ASP A 252 1.19 14.39 -14.83
CA ASP A 252 1.16 14.39 -14.89
C ASP A 252 0.35 15.24 -13.89
C ASP A 252 0.36 15.16 -13.84
N ARG A 253 -0.97 15.02 -13.89
CA ARG A 253 -1.89 15.81 -13.07
C ARG A 253 -2.14 15.18 -11.69
N GLY A 254 -1.76 13.91 -11.55
CA GLY A 254 -2.15 13.11 -10.40
C GLY A 254 -3.35 12.23 -10.73
N VAL A 255 -3.67 11.29 -9.83
CA VAL A 255 -4.81 10.39 -10.02
C VAL A 255 -6.02 10.87 -9.20
N THR A 256 -7.19 10.82 -9.82
CA THR A 256 -8.45 11.21 -9.18
C THR A 256 -8.54 10.71 -7.73
N ASN A 257 -9.00 11.59 -6.83
CA ASN A 257 -9.27 11.27 -5.44
C ASN A 257 -10.16 10.04 -5.30
N HIS A 258 -9.84 9.16 -4.35
CA HIS A 258 -10.69 8.01 -4.08
C HIS A 258 -11.88 8.42 -3.20
N ARG A 259 -13.02 7.77 -3.43
CA ARG A 259 -14.22 7.99 -2.65
C ARG A 259 -14.02 7.47 -1.22
N MET B 1 -0.06 25.21 48.79
CA MET B 1 -0.91 26.31 49.34
C MET B 1 -2.11 25.74 50.13
N LYS B 2 -3.03 25.09 49.42
CA LYS B 2 -4.20 24.49 50.07
C LYS B 2 -4.72 23.24 49.36
N ILE B 3 -4.75 22.14 50.11
CA ILE B 3 -5.32 20.88 49.68
C ILE B 3 -6.57 20.65 50.54
N HIS B 4 -7.71 20.44 49.88
CA HIS B 4 -8.97 20.25 50.58
C HIS B 4 -8.98 18.95 51.40
N PRO B 5 -9.46 19.01 52.67
CA PRO B 5 -9.49 17.84 53.55
C PRO B 5 -10.21 16.63 52.95
N THR B 6 -11.19 16.89 52.07
CA THR B 6 -11.95 15.85 51.39
C THR B 6 -11.23 15.24 50.16
N ALA B 7 -10.10 15.83 49.77
CA ALA B 7 -9.32 15.28 48.67
C ALA B 7 -8.66 13.99 49.13
N ILE B 8 -8.64 13.00 48.23
CA ILE B 8 -8.00 11.72 48.47
C ILE B 8 -6.70 11.68 47.65
N ILE B 9 -5.57 11.81 48.35
CA ILE B 9 -4.25 11.84 47.72
C ILE B 9 -3.37 10.69 48.23
N ASP B 10 -2.87 9.86 47.31
CA ASP B 10 -1.94 8.79 47.67
C ASP B 10 -0.69 9.40 48.31
N PRO B 11 -0.23 8.83 49.45
CA PRO B 11 0.95 9.32 50.20
C PRO B 11 2.25 9.38 49.40
N LYS B 12 2.33 8.59 48.33
CA LYS B 12 3.52 8.47 47.49
C LYS B 12 3.49 9.44 46.29
N ALA B 13 2.37 10.14 46.11
CA ALA B 13 2.28 11.17 45.07
C ALA B 13 3.14 12.36 45.47
N GLU B 14 3.90 12.88 44.50
CA GLU B 14 4.88 13.93 44.74
C GLU B 14 4.37 15.27 44.23
N LEU B 15 3.88 16.10 45.15
CA LEU B 15 3.32 17.42 44.82
C LEU B 15 4.20 18.51 45.41
N HIS B 16 4.55 19.50 44.58
CA HIS B 16 5.27 20.68 45.06
C HIS B 16 4.37 21.34 46.11
N GLU B 17 4.97 22.06 47.07
CA GLU B 17 4.18 22.60 48.19
C GLU B 17 3.09 23.60 47.79
N SER B 18 3.28 24.27 46.65
CA SER B 18 2.34 25.28 46.16
C SER B 18 1.11 24.71 45.46
N VAL B 19 1.16 23.42 45.11
CA VAL B 19 0.05 22.75 44.41
C VAL B 19 -1.28 22.83 45.19
N GLU B 20 -2.34 23.28 44.51
CA GLU B 20 -3.68 23.34 45.10
C GLU B 20 -4.57 22.20 44.59
N VAL B 21 -5.25 21.53 45.51
CA VAL B 21 -6.16 20.44 45.17
C VAL B 21 -7.54 20.67 45.81
N GLY B 22 -8.57 20.74 44.99
CA GLY B 22 -9.91 21.08 45.44
C GLY B 22 -10.69 19.90 46.01
N PRO B 23 -11.97 20.14 46.38
CA PRO B 23 -12.85 19.16 47.03
C PRO B 23 -13.12 17.88 46.23
N TYR B 24 -12.99 16.74 46.89
CA TYR B 24 -13.34 15.42 46.34
C TYR B 24 -12.48 15.01 45.13
N SER B 25 -11.30 15.61 45.02
CA SER B 25 -10.36 15.21 43.98
C SER B 25 -9.57 13.99 44.40
N ILE B 26 -9.16 13.19 43.42
CA ILE B 26 -8.47 11.93 43.69
C ILE B 26 -7.14 11.93 42.95
N ILE B 27 -6.06 11.73 43.69
CA ILE B 27 -4.72 11.64 43.12
C ILE B 27 -4.07 10.32 43.50
N GLU B 28 -3.79 9.50 42.49
CA GLU B 28 -3.25 8.18 42.73
C GLU B 28 -1.74 8.25 42.96
N GLY B 29 -1.13 7.09 43.17
CA GLY B 29 0.32 7.00 43.35
C GLY B 29 1.01 7.05 42.01
N ASN B 30 2.34 7.02 42.03
CA ASN B 30 3.17 7.23 40.84
C ASN B 30 2.76 8.49 40.06
N VAL B 31 2.59 9.58 40.82
CA VAL B 31 2.14 10.85 40.26
C VAL B 31 3.09 11.95 40.72
N SER B 32 3.52 12.79 39.77
CA SER B 32 4.32 13.97 40.12
C SER B 32 3.67 15.23 39.54
N ILE B 33 3.50 16.24 40.39
CA ILE B 33 2.86 17.50 40.02
C ILE B 33 3.76 18.65 40.49
N GLN B 34 4.16 19.50 39.54
CA GLN B 34 5.15 20.54 39.81
C GLN B 34 4.55 21.88 40.27
N GLU B 35 5.42 22.83 40.60
CA GLU B 35 5.03 24.11 41.20
C GLU B 35 3.94 24.88 40.46
N GLY B 36 3.01 25.45 41.23
CA GLY B 36 2.02 26.39 40.68
C GLY B 36 0.82 25.79 39.99
N THR B 37 0.73 24.46 39.98
CA THR B 37 -0.40 23.77 39.38
C THR B 37 -1.63 23.77 40.29
N ILE B 38 -2.78 24.11 39.70
CA ILE B 38 -4.04 24.15 40.46
C ILE B 38 -5.00 23.08 39.96
N ILE B 39 -5.49 22.30 40.90
CA ILE B 39 -6.49 21.28 40.65
C ILE B 39 -7.77 21.68 41.39
N GLU B 40 -8.87 21.77 40.64
CA GLU B 40 -10.18 22.11 41.20
C GLU B 40 -10.86 20.79 41.62
N GLY B 41 -12.13 20.86 42.01
CA GLY B 41 -12.85 19.69 42.48
C GLY B 41 -13.19 18.54 41.56
N HIS B 42 -13.40 17.37 42.14
CA HIS B 42 -13.82 16.15 41.40
C HIS B 42 -12.88 15.73 40.27
N VAL B 43 -11.63 16.15 40.37
CA VAL B 43 -10.60 15.81 39.39
C VAL B 43 -9.97 14.45 39.73
N LYS B 44 -9.65 13.67 38.70
CA LYS B 44 -8.83 12.49 38.90
C LYS B 44 -7.52 12.58 38.16
N ILE B 45 -6.45 12.33 38.93
CA ILE B 45 -5.11 12.23 38.39
C ILE B 45 -4.65 10.80 38.65
N CYS B 46 -4.51 10.04 37.57
CA CYS B 46 -4.19 8.61 37.65
C CYS B 46 -2.70 8.35 37.63
N ALA B 47 -2.34 7.14 38.08
CA ALA B 47 -0.96 6.69 38.17
C ALA B 47 -0.24 6.82 36.83
N GLY B 48 0.99 7.33 36.88
CA GLY B 48 1.77 7.56 35.69
C GLY B 48 1.74 9.01 35.23
N SER B 49 0.93 9.84 35.87
CA SER B 49 0.84 11.25 35.47
C SER B 49 2.05 12.03 35.98
N GLU B 50 2.77 12.64 35.06
CA GLU B 50 3.90 13.50 35.37
C GLU B 50 3.60 14.90 34.85
N ILE B 51 3.13 15.74 35.77
CA ILE B 51 2.55 17.05 35.43
C ILE B 51 3.51 18.18 35.78
N GLY B 52 3.63 19.14 34.86
CA GLY B 52 4.56 20.24 35.02
C GLY B 52 4.02 21.43 35.81
N LYS B 53 4.55 22.61 35.52
CA LYS B 53 4.29 23.81 36.30
C LYS B 53 3.15 24.68 35.78
N PHE B 54 2.42 25.27 36.72
CA PHE B 54 1.35 26.25 36.44
C PHE B 54 0.27 25.74 35.49
N ASN B 55 -0.16 24.49 35.68
CA ASN B 55 -1.29 23.93 34.92
C ASN B 55 -2.58 24.08 35.71
N ARG B 56 -3.71 24.19 35.01
CA ARG B 56 -4.98 24.19 35.72
C ARG B 56 -5.90 23.08 35.23
N PHE B 57 -6.48 22.37 36.20
CA PHE B 57 -7.38 21.25 35.95
C PHE B 57 -8.73 21.60 36.53
N HIS B 58 -9.69 21.89 35.65
CA HIS B 58 -11.03 22.30 36.06
C HIS B 58 -11.85 21.12 36.53
N GLN B 59 -12.96 21.40 37.18
CA GLN B 59 -13.82 20.36 37.75
C GLN B 59 -14.09 19.18 36.83
N GLY B 60 -13.81 17.99 37.32
CA GLY B 60 -14.19 16.77 36.62
C GLY B 60 -13.20 16.28 35.58
N ALA B 61 -12.11 17.03 35.40
CA ALA B 61 -11.06 16.61 34.47
C ALA B 61 -10.50 15.27 34.92
N VAL B 62 -10.28 14.38 33.95
CA VAL B 62 -9.69 13.08 34.22
C VAL B 62 -8.41 12.92 33.40
N ILE B 63 -7.33 12.61 34.08
CA ILE B 63 -6.00 12.65 33.52
C ILE B 63 -5.27 11.32 33.71
N GLY B 64 -4.84 10.75 32.60
CA GLY B 64 -4.10 9.49 32.64
C GLY B 64 -4.97 8.28 32.92
N VAL B 65 -6.25 8.36 32.52
CA VAL B 65 -7.16 7.22 32.71
C VAL B 65 -6.74 6.13 31.72
N MET B 66 -7.26 4.91 31.89
CA MET B 66 -6.87 3.76 31.04
C MET B 66 -7.09 4.01 29.54
N PRO B 67 -6.12 3.58 28.70
CA PRO B 67 -6.37 3.56 27.26
C PRO B 67 -7.68 2.87 26.89
N GLN B 68 -8.42 3.47 25.95
CA GLN B 68 -9.60 2.85 25.38
C GLN B 68 -9.11 1.93 24.25
N ASP B 69 -8.62 0.76 24.68
CA ASP B 69 -7.82 -0.15 23.88
C ASP B 69 -7.93 -1.53 24.51
N LEU B 70 -8.60 -2.45 23.80
CA LEU B 70 -8.97 -3.78 24.31
C LEU B 70 -7.79 -4.70 24.64
N GLY B 71 -6.70 -4.53 23.90
CA GLY B 71 -5.50 -5.32 24.07
C GLY B 71 -4.45 -4.69 24.96
N PHE B 72 -4.84 -3.68 25.73
CA PHE B 72 -3.91 -3.00 26.63
C PHE B 72 -3.77 -3.72 27.98
N ASN B 73 -2.55 -4.03 28.38
CA ASN B 73 -2.29 -4.58 29.70
C ASN B 73 -2.40 -3.47 30.77
N GLN B 74 -3.41 -3.59 31.61
CA GLN B 74 -3.74 -2.56 32.60
C GLN B 74 -2.84 -2.58 33.85
N GLN B 75 -1.85 -3.47 33.84
CA GLN B 75 -0.87 -3.53 34.93
C GLN B 75 0.40 -2.78 34.55
N LEU B 76 0.50 -2.34 33.31
CA LEU B 76 1.68 -1.59 32.85
C LEU B 76 1.64 -0.18 33.39
N LEU B 77 2.73 0.23 34.03
CA LEU B 77 2.86 1.60 34.49
C LEU B 77 3.28 2.44 33.29
N THR B 78 2.26 2.95 32.59
CA THR B 78 2.50 3.83 31.47
C THR B 78 2.21 5.28 31.89
N LYS B 79 2.75 6.23 31.13
CA LYS B 79 2.79 7.62 31.57
C LYS B 79 1.90 8.59 30.77
N THR B 80 1.54 9.69 31.43
CA THR B 80 0.93 10.84 30.79
C THR B 80 1.85 12.02 31.14
N VAL B 81 2.54 12.54 30.12
CA VAL B 81 3.52 13.61 30.30
C VAL B 81 2.91 14.95 29.91
N ILE B 82 2.90 15.88 30.85
CA ILE B 82 2.23 17.17 30.65
C ILE B 82 3.18 18.29 31.02
N GLY B 83 3.39 19.23 30.09
CA GLY B 83 4.32 20.36 30.30
C GLY B 83 3.78 21.47 31.19
N ASP B 84 4.07 22.71 30.82
CA ASP B 84 3.78 23.90 31.64
C ASP B 84 2.63 24.76 31.10
N HIS B 85 1.94 25.44 32.02
CA HIS B 85 0.89 26.41 31.67
C HIS B 85 -0.20 25.85 30.74
N ASN B 86 -0.62 24.61 30.96
CA ASN B 86 -1.75 24.04 30.24
C ASN B 86 -3.04 24.22 31.00
N ILE B 87 -4.16 24.24 30.26
CA ILE B 87 -5.48 24.36 30.86
C ILE B 87 -6.33 23.18 30.40
N PHE B 88 -6.83 22.43 31.36
CA PHE B 88 -7.73 21.30 31.13
C PHE B 88 -9.11 21.65 31.70
N ARG B 89 -10.06 21.88 30.81
CA ARG B 89 -11.39 22.31 31.23
C ARG B 89 -12.27 21.20 31.78
N GLU B 90 -13.48 21.56 32.16
CA GLU B 90 -14.42 20.67 32.85
C GLU B 90 -14.64 19.39 32.08
N TYR B 91 -14.50 18.26 32.77
CA TYR B 91 -14.70 16.93 32.19
C TYR B 91 -13.85 16.66 30.95
N SER B 92 -12.71 17.34 30.83
CA SER B 92 -11.78 16.97 29.76
C SER B 92 -11.09 15.64 30.14
N ASN B 93 -10.65 14.89 29.13
CA ASN B 93 -10.32 13.49 29.32
C ASN B 93 -9.05 13.17 28.55
N ILE B 94 -7.96 12.97 29.32
CA ILE B 94 -6.66 12.70 28.75
C ILE B 94 -6.23 11.30 29.16
N HIS B 95 -5.95 10.45 28.17
CA HIS B 95 -5.55 9.06 28.42
C HIS B 95 -4.04 8.90 28.44
N LYS B 96 -3.56 7.91 29.20
CA LYS B 96 -2.13 7.58 29.25
C LYS B 96 -1.71 6.71 28.07
N GLY B 97 -0.40 6.45 27.97
CA GLY B 97 0.16 5.67 26.88
C GLY B 97 -0.06 4.17 27.01
N THR B 98 0.31 3.44 25.96
CA THR B 98 0.09 1.99 25.92
C THR B 98 1.32 1.12 26.19
N LYS B 99 2.51 1.70 26.05
CA LYS B 99 3.75 0.99 26.40
C LYS B 99 4.59 1.84 27.34
N GLU B 100 5.49 1.21 28.08
CA GLU B 100 6.35 1.94 29.03
C GLU B 100 7.33 2.94 28.37
N ASP B 101 7.67 2.69 27.12
CA ASP B 101 8.47 3.64 26.35
C ASP B 101 7.58 4.52 25.46
N SER B 102 6.28 4.49 25.72
CA SER B 102 5.32 5.18 24.86
C SER B 102 4.27 5.95 25.64
N PRO B 103 4.64 7.13 26.19
CA PRO B 103 3.65 7.96 26.89
C PRO B 103 2.70 8.75 25.97
N THR B 104 1.65 9.30 26.57
CA THR B 104 0.90 10.40 26.01
C THR B 104 1.68 11.65 26.43
N VAL B 105 1.97 12.53 25.48
CA VAL B 105 2.81 13.72 25.75
C VAL B 105 2.09 15.00 25.33
N ILE B 106 2.02 15.96 26.25
CA ILE B 106 1.47 17.29 25.99
C ILE B 106 2.55 18.28 26.40
N GLY B 107 2.83 19.26 25.54
CA GLY B 107 3.85 20.27 25.83
C GLY B 107 3.30 21.40 26.70
N ASN B 108 3.50 22.63 26.25
CA ASN B 108 3.19 23.81 27.04
C ASN B 108 2.12 24.71 26.42
N LYS B 109 1.43 25.46 27.27
CA LYS B 109 0.47 26.49 26.85
C LYS B 109 -0.66 25.96 25.94
N ASN B 110 -1.07 24.71 26.17
CA ASN B 110 -2.18 24.10 25.44
C ASN B 110 -3.49 24.31 26.20
N TYR B 111 -4.59 24.40 25.45
CA TYR B 111 -5.88 24.68 26.05
C TYR B 111 -6.83 23.58 25.62
N PHE B 112 -7.33 22.83 26.60
CA PHE B 112 -8.26 21.75 26.32
C PHE B 112 -9.63 22.13 26.84
N MET B 113 -10.57 22.35 25.92
CA MET B 113 -11.89 22.83 26.31
C MET B 113 -12.74 21.72 26.95
N GLY B 114 -13.87 22.12 27.52
CA GLY B 114 -14.77 21.20 28.19
C GLY B 114 -15.02 19.97 27.34
N ASN B 115 -14.95 18.82 27.99
CA ASN B 115 -15.29 17.54 27.39
C ASN B 115 -14.43 17.11 26.19
N SER B 116 -13.31 17.77 25.99
CA SER B 116 -12.40 17.39 24.92
C SER B 116 -11.65 16.14 25.35
N HIS B 117 -11.17 15.36 24.36
CA HIS B 117 -10.55 14.06 24.62
C HIS B 117 -9.22 13.89 23.89
N VAL B 118 -8.21 13.42 24.61
CA VAL B 118 -6.92 13.05 24.00
C VAL B 118 -6.70 11.55 24.22
N GLY B 119 -6.71 10.80 23.12
CA GLY B 119 -6.54 9.34 23.17
C GLY B 119 -5.13 8.91 23.53
N HIS B 120 -4.98 7.62 23.86
CA HIS B 120 -3.69 7.04 24.22
C HIS B 120 -2.60 7.30 23.21
N ASP B 121 -1.40 7.62 23.70
CA ASP B 121 -0.19 7.75 22.85
C ASP B 121 -0.22 8.96 21.90
N CYS B 122 -1.08 9.94 22.16
CA CYS B 122 -1.02 11.18 21.41
C CYS B 122 0.25 11.94 21.80
N ILE B 123 0.76 12.71 20.84
CA ILE B 123 1.87 13.64 21.08
C ILE B 123 1.41 15.02 20.59
N LEU B 124 1.39 15.97 21.53
CA LEU B 124 1.01 17.35 21.22
C LEU B 124 2.16 18.26 21.63
N GLY B 125 2.43 19.27 20.80
CA GLY B 125 3.48 20.23 21.07
C GLY B 125 2.97 21.34 21.96
N ASN B 126 3.14 22.58 21.51
CA ASN B 126 2.85 23.75 22.33
C ASN B 126 1.76 24.61 21.71
N ASN B 127 1.02 25.33 22.54
CA ASN B 127 0.11 26.40 22.09
C ASN B 127 -1.09 25.94 21.25
N ASN B 128 -1.47 24.68 21.41
CA ASN B 128 -2.59 24.12 20.64
C ASN B 128 -3.90 24.34 21.38
N ILE B 129 -5.01 24.43 20.63
CA ILE B 129 -6.32 24.51 21.24
C ILE B 129 -7.21 23.37 20.74
N LEU B 130 -7.77 22.63 21.69
CA LEU B 130 -8.73 21.58 21.39
C LEU B 130 -10.11 22.02 21.89
N THR B 131 -10.96 22.43 20.95
CA THR B 131 -12.23 23.08 21.30
C THR B 131 -13.25 22.09 21.84
N HIS B 132 -14.34 22.61 22.40
CA HIS B 132 -15.34 21.84 23.14
C HIS B 132 -15.78 20.56 22.44
N GLY B 133 -15.65 19.43 23.13
CA GLY B 133 -16.17 18.15 22.66
C GLY B 133 -15.41 17.49 21.52
N ALA B 134 -14.28 18.07 21.13
CA ALA B 134 -13.45 17.50 20.07
C ALA B 134 -12.70 16.26 20.56
N VAL B 135 -12.56 15.27 19.67
CA VAL B 135 -11.92 14.00 20.03
C VAL B 135 -10.69 13.68 19.18
N LEU B 136 -9.55 13.44 19.82
CA LEU B 136 -8.40 12.88 19.12
C LEU B 136 -8.33 11.39 19.41
N ALA B 137 -8.32 10.56 18.37
CA ALA B 137 -8.11 9.11 18.57
C ALA B 137 -6.69 8.88 19.08
N GLY B 138 -6.38 7.62 19.40
CA GLY B 138 -5.04 7.26 19.88
C GLY B 138 -4.04 7.56 18.78
N HIS B 139 -2.79 7.81 19.15
CA HIS B 139 -1.71 8.06 18.16
C HIS B 139 -1.98 9.21 17.17
N VAL B 140 -2.62 10.28 17.63
CA VAL B 140 -2.71 11.51 16.85
C VAL B 140 -1.58 12.45 17.27
N THR B 141 -1.03 13.16 16.30
CA THR B 141 0.12 14.03 16.57
C THR B 141 -0.20 15.48 16.16
N LEU B 142 -0.03 16.39 17.11
CA LEU B 142 -0.15 17.82 16.86
C LEU B 142 1.19 18.48 17.05
N GLY B 143 1.48 19.45 16.20
CA GLY B 143 2.69 20.24 16.30
C GLY B 143 2.43 21.42 17.23
N ASN B 144 2.63 22.63 16.72
CA ASN B 144 2.44 23.84 17.50
C ASN B 144 1.41 24.78 16.91
N PHE B 145 0.68 25.46 17.79
CA PHE B 145 -0.28 26.50 17.44
C PHE B 145 -1.39 25.99 16.49
N ALA B 146 -1.80 24.73 16.67
CA ALA B 146 -2.91 24.17 15.91
C ALA B 146 -4.24 24.50 16.59
N PHE B 147 -5.26 24.75 15.77
CA PHE B 147 -6.60 24.97 16.29
C PHE B 147 -7.54 23.87 15.82
N ILE B 148 -8.04 23.06 16.77
CA ILE B 148 -9.04 22.04 16.47
C ILE B 148 -10.37 22.56 16.99
N SER B 149 -11.36 22.72 16.11
CA SER B 149 -12.63 23.33 16.50
C SER B 149 -13.56 22.33 17.20
N GLY B 150 -14.78 22.76 17.52
CA GLY B 150 -15.72 21.93 18.31
C GLY B 150 -16.16 20.65 17.60
N LEU B 151 -16.32 19.57 18.36
CA LEU B 151 -16.88 18.29 17.87
C LEU B 151 -16.15 17.72 16.63
N VAL B 152 -14.86 18.00 16.55
CA VAL B 152 -14.02 17.45 15.50
C VAL B 152 -13.60 16.06 15.92
N ALA B 153 -13.59 15.11 14.97
CA ALA B 153 -12.96 13.80 15.20
C ALA B 153 -11.70 13.61 14.35
N VAL B 154 -10.59 13.27 14.99
CA VAL B 154 -9.35 13.00 14.26
C VAL B 154 -8.93 11.53 14.36
N HIS B 155 -8.78 10.89 13.20
CA HIS B 155 -8.45 9.45 13.09
C HIS B 155 -7.06 9.20 13.65
N GLN B 156 -6.84 8.00 14.16
CA GLN B 156 -5.54 7.60 14.66
C GLN B 156 -4.47 7.64 13.57
N PHE B 157 -3.24 7.95 13.98
CA PHE B 157 -2.05 7.99 13.10
C PHE B 157 -2.01 9.19 12.12
N CYS B 158 -2.92 10.15 12.31
CA CYS B 158 -2.90 11.39 11.56
C CYS B 158 -1.97 12.40 12.23
N PHE B 159 -1.38 13.28 11.42
CA PHE B 159 -0.56 14.36 11.92
C PHE B 159 -1.26 15.66 11.57
N VAL B 160 -1.18 16.63 12.49
CA VAL B 160 -1.81 17.94 12.31
C VAL B 160 -0.67 18.95 12.41
N GLY B 161 -0.38 19.65 11.32
CA GLY B 161 0.81 20.53 11.26
C GLY B 161 0.70 21.84 12.05
N ASP B 162 1.84 22.54 12.17
CA ASP B 162 1.87 23.85 12.84
C ASP B 162 0.88 24.80 12.20
N TYR B 163 0.27 25.63 13.04
CA TYR B 163 -0.54 26.77 12.63
C TYR B 163 -1.70 26.37 11.71
N SER B 164 -2.17 25.13 11.87
CA SER B 164 -3.29 24.65 11.09
C SER B 164 -4.63 24.88 11.81
N MET B 165 -5.71 24.74 11.06
CA MET B 165 -7.05 24.94 11.56
C MET B 165 -7.94 23.78 11.09
N VAL B 166 -8.69 23.18 12.01
CA VAL B 166 -9.71 22.18 11.66
C VAL B 166 -11.06 22.75 12.07
N ALA B 167 -11.91 23.02 11.09
CA ALA B 167 -13.21 23.68 11.33
C ALA B 167 -14.20 22.77 12.11
N GLY B 168 -15.25 23.37 12.66
CA GLY B 168 -16.20 22.62 13.50
C GLY B 168 -16.76 21.38 12.80
N LEU B 169 -16.90 20.29 13.56
CA LEU B 169 -17.52 19.05 13.06
C LEU B 169 -16.79 18.32 11.92
N ALA B 170 -15.54 18.70 11.65
CA ALA B 170 -14.77 18.06 10.58
C ALA B 170 -14.35 16.64 10.96
N LYS B 171 -14.41 15.74 9.98
CA LYS B 171 -14.02 14.35 10.18
C LYS B 171 -12.68 14.17 9.49
N VAL B 172 -11.61 14.08 10.28
CA VAL B 172 -10.26 14.02 9.74
C VAL B 172 -9.76 12.57 9.63
N VAL B 173 -9.39 12.19 8.41
CA VAL B 173 -8.93 10.83 8.12
C VAL B 173 -7.48 10.78 7.58
N GLN B 174 -6.92 11.95 7.27
CA GLN B 174 -5.57 12.07 6.72
C GLN B 174 -4.95 13.31 7.31
N ASP B 175 -3.66 13.56 7.02
CA ASP B 175 -2.97 14.68 7.65
C ASP B 175 -3.56 16.06 7.33
N VAL B 176 -3.47 16.96 8.31
CA VAL B 176 -3.83 18.35 8.14
C VAL B 176 -2.52 19.10 7.93
N PRO B 177 -2.29 19.62 6.71
CA PRO B 177 -0.99 20.20 6.39
C PRO B 177 -0.76 21.52 7.14
N PRO B 178 0.50 21.89 7.36
CA PRO B 178 0.77 23.11 8.12
C PRO B 178 0.20 24.37 7.45
N TYR B 179 -0.20 25.32 8.28
CA TYR B 179 -0.65 26.66 7.84
C TYR B 179 -2.00 26.63 7.13
N SER B 180 -2.67 25.49 7.17
CA SER B 180 -3.88 25.28 6.36
C SER B 180 -5.16 25.13 7.18
N THR B 181 -6.30 25.19 6.48
CA THR B 181 -7.61 24.93 7.07
C THR B 181 -8.25 23.72 6.38
N VAL B 182 -8.78 22.82 7.21
CA VAL B 182 -9.49 21.63 6.76
C VAL B 182 -10.92 21.69 7.31
N ASP B 183 -11.88 21.24 6.51
CA ASP B 183 -13.30 21.36 6.84
C ASP B 183 -14.10 20.28 6.12
N GLY B 184 -15.12 19.74 6.77
CA GLY B 184 -16.17 18.96 6.11
C GLY B 184 -16.26 17.50 6.49
N ASN B 185 -17.24 16.82 5.91
CA ASN B 185 -17.36 15.36 5.99
C ASN B 185 -17.95 14.83 4.67
N PRO B 186 -17.09 14.31 3.77
CA PRO B 186 -15.64 14.14 3.92
C PRO B 186 -14.89 15.47 3.94
N SER B 187 -13.82 15.52 4.73
CA SER B 187 -13.06 16.74 4.91
C SER B 187 -12.06 16.97 3.76
N THR B 188 -11.77 18.26 3.56
CA THR B 188 -10.86 18.74 2.51
C THR B 188 -10.00 19.90 3.04
N VAL B 189 -8.83 20.09 2.44
CA VAL B 189 -8.04 21.31 2.62
C VAL B 189 -8.77 22.38 1.82
N VAL B 190 -9.27 23.41 2.50
CA VAL B 190 -10.01 24.48 1.85
C VAL B 190 -9.06 25.56 1.31
N GLY B 191 -7.98 25.81 2.05
CA GLY B 191 -6.98 26.81 1.70
C GLY B 191 -6.11 27.18 2.90
N LEU B 192 -5.43 28.33 2.81
CA LEU B 192 -4.54 28.81 3.86
C LEU B 192 -5.30 29.21 5.12
N ASN B 193 -4.65 29.03 6.28
CA ASN B 193 -5.18 29.46 7.55
C ASN B 193 -4.69 30.88 7.89
N SER B 194 -5.36 31.87 7.32
CA SER B 194 -4.94 33.28 7.43
C SER B 194 -4.85 33.80 8.86
N VAL B 195 -5.83 33.41 9.68
CA VAL B 195 -5.94 33.85 11.08
C VAL B 195 -4.73 33.45 11.92
N GLY B 196 -4.31 32.20 11.77
CA GLY B 196 -3.16 31.66 12.49
C GLY B 196 -1.83 32.24 12.05
N MET B 197 -1.71 32.56 10.76
CA MET B 197 -0.48 33.13 10.22
C MET B 197 -0.31 34.62 10.53
N LYS B 198 -1.43 35.31 10.76
CA LYS B 198 -1.39 36.69 11.28
C LYS B 198 -1.09 36.68 12.79
N ARG B 199 -1.10 35.48 13.36
CA ARG B 199 -0.72 35.22 14.74
C ARG B 199 0.73 34.68 14.79
N ALA B 200 1.13 33.97 13.73
CA ALA B 200 2.50 33.49 13.57
C ALA B 200 3.54 34.61 13.41
N GLY B 201 3.06 35.84 13.19
CA GLY B 201 3.92 37.00 12.99
C GLY B 201 4.76 36.86 11.74
N PHE B 202 4.25 36.13 10.75
CA PHE B 202 4.93 35.94 9.48
C PHE B 202 4.84 37.24 8.70
N SER B 203 5.99 37.80 8.34
CA SER B 203 6.03 38.96 7.47
C SER B 203 6.08 38.45 6.03
N PRO B 204 5.05 38.76 5.23
CA PRO B 204 4.98 38.28 3.85
C PRO B 204 5.61 39.25 2.83
N GLU B 205 6.51 38.77 1.98
CA GLU B 205 7.40 37.64 2.28
C GLU B 205 6.79 36.32 2.73
N VAL B 206 7.14 35.94 3.96
CA VAL B 206 7.02 34.56 4.47
C VAL B 206 5.62 33.99 4.20
N ARG B 207 4.58 34.82 4.23
CA ARG B 207 3.23 34.37 3.92
C ARG B 207 3.03 34.15 2.42
N ASN B 208 3.84 34.84 1.61
CA ASN B 208 3.82 34.67 0.16
C ASN B 208 4.48 33.36 -0.29
N ALA B 209 5.60 33.01 0.36
CA ALA B 209 6.37 31.81 0.02
C ALA B 209 5.67 30.53 0.49
N ILE B 210 4.86 30.64 1.53
CA ILE B 210 3.99 29.57 1.99
C ILE B 210 2.79 29.46 1.04
N LYS B 211 2.26 30.62 0.63
CA LYS B 211 1.18 30.66 -0.37
C LYS B 211 1.62 30.09 -1.72
N HIS B 212 2.83 30.44 -2.16
CA HIS B 212 3.42 29.87 -3.39
C HIS B 212 3.61 28.36 -3.30
N ALA B 213 4.05 27.88 -2.13
CA ALA B 213 4.20 26.45 -1.88
C ALA B 213 2.90 25.70 -2.17
N TYR B 214 1.80 26.24 -1.65
CA TYR B 214 0.50 25.62 -1.79
C TYR B 214 -0.14 25.85 -3.16
N LYS B 215 0.35 26.87 -3.87
CA LYS B 215 -0.05 27.11 -5.25
C LYS B 215 0.51 26.02 -6.16
N VAL B 216 1.77 25.65 -5.91
CA VAL B 216 2.42 24.58 -6.64
C VAL B 216 1.73 23.23 -6.35
N ILE B 217 1.56 22.93 -5.06
CA ILE B 217 0.96 21.66 -4.63
C ILE B 217 -0.49 21.49 -5.10
N TYR B 218 -1.31 22.53 -4.95
CA TYR B 218 -2.76 22.35 -5.11
C TYR B 218 -3.41 23.03 -6.32
N HIS B 219 -2.75 24.05 -6.87
CA HIS B 219 -3.38 24.84 -7.94
C HIS B 219 -2.51 25.04 -9.18
N SER B 220 -1.75 24.02 -9.55
CA SER B 220 -0.90 24.08 -10.73
C SER B 220 -1.09 22.91 -11.70
N GLY B 221 -2.13 22.10 -11.46
CA GLY B 221 -2.46 20.96 -12.32
C GLY B 221 -1.40 19.86 -12.38
N ILE B 222 -0.70 19.65 -11.27
CA ILE B 222 0.33 18.59 -11.22
C ILE B 222 0.17 17.68 -10.00
N SER B 223 0.67 16.45 -10.13
CA SER B 223 0.69 15.48 -9.04
C SER B 223 1.54 15.98 -7.88
N THR B 224 1.30 15.43 -6.71
CA THR B 224 1.99 15.86 -5.49
C THR B 224 3.45 15.45 -5.56
N ARG B 225 3.71 14.32 -6.21
CA ARG B 225 5.08 13.89 -6.51
C ARG B 225 5.87 14.99 -7.23
N LYS B 226 5.32 15.46 -8.34
CA LYS B 226 5.97 16.47 -9.17
C LYS B 226 6.06 17.83 -8.46
N ALA B 227 4.96 18.24 -7.82
CA ALA B 227 4.90 19.53 -7.12
C ALA B 227 6.00 19.67 -6.07
N LEU B 228 6.11 18.67 -5.19
CA LEU B 228 7.16 18.66 -4.17
C LEU B 228 8.54 18.90 -4.81
N ASP B 229 8.83 18.16 -5.87
CA ASP B 229 10.09 18.28 -6.62
C ASP B 229 10.35 19.68 -7.15
N GLU B 230 9.30 20.33 -7.67
N GLU B 230 9.31 20.34 -7.65
CA GLU B 230 9.39 21.71 -8.14
CA GLU B 230 9.43 21.72 -8.15
C GLU B 230 9.74 22.67 -7.01
C GLU B 230 9.69 22.71 -7.02
N LEU B 231 9.14 22.44 -5.84
CA LEU B 231 9.32 23.31 -4.67
C LEU B 231 10.71 23.24 -4.04
N GLU B 232 11.30 22.05 -4.01
CA GLU B 232 12.70 21.89 -3.61
C GLU B 232 13.63 22.71 -4.50
N ALA B 233 13.18 22.94 -5.73
CA ALA B 233 13.97 23.61 -6.78
C ALA B 233 13.73 25.12 -6.86
N SER B 234 13.16 25.69 -5.80
CA SER B 234 12.67 27.07 -5.81
C SER B 234 13.70 28.14 -5.38
N GLY B 235 14.98 27.81 -5.47
CA GLY B 235 16.07 28.79 -5.31
C GLY B 235 16.67 28.93 -3.92
N ASN B 236 16.01 29.73 -3.08
CA ASN B 236 16.44 29.98 -1.72
C ASN B 236 15.25 29.77 -0.79
N LEU B 237 15.00 28.52 -0.43
CA LEU B 237 13.82 28.17 0.35
C LEU B 237 13.90 28.66 1.78
N ILE B 238 12.75 29.10 2.28
CA ILE B 238 12.59 29.40 3.69
C ILE B 238 12.22 28.12 4.43
N GLU B 239 12.59 28.03 5.70
CA GLU B 239 12.45 26.79 6.47
C GLU B 239 11.00 26.33 6.70
N GLN B 240 10.06 27.28 6.62
CA GLN B 240 8.64 26.98 6.71
C GLN B 240 8.14 26.23 5.47
N VAL B 241 8.86 26.38 4.35
CA VAL B 241 8.55 25.69 3.09
C VAL B 241 9.23 24.31 3.01
N LYS B 242 10.44 24.21 3.56
CA LYS B 242 11.13 22.92 3.69
C LYS B 242 10.33 22.00 4.61
N TYR B 243 9.71 22.58 5.63
CA TYR B 243 8.84 21.85 6.56
C TYR B 243 7.57 21.33 5.84
N ILE B 244 6.90 22.21 5.08
CA ILE B 244 5.78 21.80 4.22
C ILE B 244 6.13 20.56 3.39
N ILE B 245 7.29 20.60 2.73
CA ILE B 245 7.78 19.50 1.89
C ILE B 245 7.96 18.21 2.70
N LYS B 246 8.69 18.32 3.81
CA LYS B 246 8.96 17.21 4.71
C LYS B 246 7.67 16.64 5.30
N PHE B 247 6.71 17.51 5.63
CA PHE B 247 5.40 17.09 6.14
C PHE B 247 4.69 16.19 5.12
N PHE B 248 4.70 16.61 3.85
CA PHE B 248 4.06 15.84 2.79
C PHE B 248 4.82 14.55 2.49
N ARG B 249 6.16 14.64 2.51
CA ARG B 249 7.00 13.49 2.19
C ARG B 249 6.95 12.40 3.25
N ASP B 250 6.83 12.79 4.52
CA ASP B 250 6.90 11.84 5.65
C ASP B 250 5.55 11.34 6.13
N SER B 251 4.48 11.89 5.57
CA SER B 251 3.11 11.46 5.90
C SER B 251 3.00 9.94 5.87
N ASP B 252 2.33 9.39 6.87
CA ASP B 252 2.15 7.94 6.92
C ASP B 252 0.84 7.57 6.26
N ARG B 253 -0.20 8.36 6.55
CA ARG B 253 -1.55 8.08 6.08
C ARG B 253 -1.88 8.81 4.79
N GLY B 254 -1.03 9.79 4.43
CA GLY B 254 -1.34 10.72 3.35
C GLY B 254 -1.89 12.02 3.89
N VAL B 255 -1.94 13.05 3.04
CA VAL B 255 -2.42 14.38 3.39
C VAL B 255 -3.85 14.57 2.84
N THR B 256 -4.68 15.26 3.62
CA THR B 256 -6.10 15.47 3.26
C THR B 256 -6.26 16.02 1.83
N ASN B 257 -7.14 15.39 1.04
CA ASN B 257 -7.57 15.89 -0.28
C ASN B 257 -7.89 17.41 -0.28
N HIS B 258 -7.44 18.14 -1.30
CA HIS B 258 -7.82 19.55 -1.42
C HIS B 258 -9.24 19.70 -1.94
N ARG B 259 -9.92 20.75 -1.50
CA ARG B 259 -11.23 21.09 -2.05
C ARG B 259 -11.07 21.60 -3.48
N MET C 1 19.66 -28.49 -22.07
CA MET C 1 18.32 -28.28 -22.67
C MET C 1 17.71 -29.60 -23.09
N LYS C 2 16.62 -29.99 -22.45
CA LYS C 2 15.71 -31.00 -22.96
C LYS C 2 14.44 -31.15 -22.21
N ILE C 3 13.36 -31.08 -22.95
CA ILE C 3 12.00 -31.06 -22.42
C ILE C 3 11.35 -32.25 -23.11
N HIS C 4 10.73 -33.13 -22.33
CA HIS C 4 10.05 -34.27 -22.94
C HIS C 4 8.80 -33.85 -23.73
N PRO C 5 8.62 -34.41 -24.95
CA PRO C 5 7.44 -34.14 -25.78
C PRO C 5 6.09 -34.39 -25.07
N THR C 6 6.07 -35.29 -24.09
CA THR C 6 4.83 -35.58 -23.34
C THR C 6 4.56 -34.63 -22.17
N ALA C 7 5.55 -33.82 -21.80
CA ALA C 7 5.39 -32.85 -20.73
C ALA C 7 4.42 -31.75 -21.14
N ILE C 8 3.59 -31.34 -20.18
CA ILE C 8 2.57 -30.33 -20.39
C ILE C 8 2.99 -29.04 -19.71
N ILE C 9 3.44 -28.10 -20.53
CA ILE C 9 3.96 -26.82 -20.05
C ILE C 9 3.17 -25.66 -20.65
N ASP C 10 2.64 -24.81 -19.78
CA ASP C 10 2.03 -23.55 -20.16
C ASP C 10 3.03 -22.66 -20.91
N PRO C 11 2.62 -22.12 -22.09
CA PRO C 11 3.46 -21.21 -22.87
C PRO C 11 3.90 -19.94 -22.13
N LYS C 12 3.16 -19.55 -21.09
CA LYS C 12 3.44 -18.36 -20.30
C LYS C 12 4.44 -18.62 -19.17
N ALA C 13 4.78 -19.90 -18.96
CA ALA C 13 5.78 -20.26 -17.95
C ALA C 13 7.18 -19.86 -18.42
N GLU C 14 8.01 -19.41 -17.49
CA GLU C 14 9.34 -18.91 -17.84
C GLU C 14 10.44 -19.85 -17.37
N LEU C 15 10.93 -20.64 -18.32
CA LEU C 15 11.99 -21.63 -18.08
C LEU C 15 13.27 -21.17 -18.77
N HIS C 16 14.37 -21.11 -18.01
CA HIS C 16 15.68 -20.87 -18.60
C HIS C 16 15.99 -22.00 -19.58
N GLU C 17 16.74 -21.70 -20.64
CA GLU C 17 16.97 -22.64 -21.74
C GLU C 17 17.55 -23.99 -21.30
N SER C 18 18.31 -23.99 -20.20
CA SER C 18 18.97 -25.19 -19.70
C SER C 18 18.05 -26.13 -18.95
N VAL C 19 16.84 -25.66 -18.64
CA VAL C 19 15.92 -26.40 -17.77
C VAL C 19 15.47 -27.70 -18.43
N GLU C 20 15.59 -28.79 -17.67
CA GLU C 20 15.19 -30.09 -18.15
C GLU C 20 13.89 -30.51 -17.49
N VAL C 21 13.00 -31.09 -18.29
CA VAL C 21 11.66 -31.46 -17.86
C VAL C 21 11.38 -32.83 -18.47
N GLY C 22 11.09 -33.80 -17.61
CA GLY C 22 10.92 -35.18 -18.01
C GLY C 22 9.49 -35.56 -18.32
N PRO C 23 9.28 -36.82 -18.76
CA PRO C 23 7.98 -37.32 -19.24
C PRO C 23 6.79 -37.08 -18.31
N TYR C 24 5.69 -36.66 -18.93
CA TYR C 24 4.39 -36.52 -18.26
C TYR C 24 4.36 -35.54 -17.08
N SER C 25 5.31 -34.62 -17.07
CA SER C 25 5.35 -33.55 -16.07
C SER C 25 4.45 -32.38 -16.48
N ILE C 26 3.87 -31.72 -15.48
CA ILE C 26 2.93 -30.62 -15.70
C ILE C 26 3.46 -29.34 -15.05
N ILE C 27 3.64 -28.30 -15.86
CA ILE C 27 4.05 -27.00 -15.37
C ILE C 27 2.99 -25.96 -15.78
N GLU C 28 2.51 -25.19 -14.80
CA GLU C 28 1.40 -24.29 -15.00
C GLU C 28 1.86 -22.87 -15.35
N GLY C 29 0.92 -21.96 -15.57
CA GLY C 29 1.24 -20.56 -15.81
C GLY C 29 1.65 -19.88 -14.51
N ASN C 30 2.23 -18.69 -14.60
CA ASN C 30 2.77 -17.96 -13.46
C ASN C 30 3.90 -18.72 -12.74
N VAL C 31 4.76 -19.35 -13.54
CA VAL C 31 5.86 -20.15 -13.03
C VAL C 31 7.16 -19.63 -13.64
N SER C 32 8.19 -19.46 -12.80
CA SER C 32 9.53 -19.19 -13.28
C SER C 32 10.49 -20.23 -12.73
N ILE C 33 11.44 -20.63 -13.58
CA ILE C 33 12.43 -21.64 -13.24
C ILE C 33 13.79 -21.23 -13.82
N GLN C 34 14.77 -21.03 -12.94
CA GLN C 34 16.10 -20.57 -13.35
C GLN C 34 17.02 -21.68 -13.86
N GLU C 35 18.22 -21.31 -14.32
CA GLU C 35 19.16 -22.24 -14.96
C GLU C 35 19.56 -23.46 -14.10
N GLY C 36 19.82 -24.57 -14.77
CA GLY C 36 20.41 -25.74 -14.15
C GLY C 36 19.42 -26.66 -13.45
N THR C 37 18.21 -26.16 -13.23
CA THR C 37 17.16 -26.94 -12.57
C THR C 37 16.69 -28.12 -13.46
N ILE C 38 16.65 -29.30 -12.85
CA ILE C 38 16.27 -30.51 -13.56
C ILE C 38 14.99 -31.07 -12.93
N ILE C 39 14.03 -31.39 -13.77
CA ILE C 39 12.74 -31.92 -13.36
C ILE C 39 12.58 -33.27 -14.05
N GLU C 40 12.27 -34.30 -13.27
CA GLU C 40 12.11 -35.65 -13.82
C GLU C 40 10.67 -35.80 -14.29
N GLY C 41 10.21 -37.05 -14.28
CA GLY C 41 8.83 -37.36 -14.60
C GLY C 41 7.70 -37.17 -13.64
N HIS C 42 6.51 -37.03 -14.16
CA HIS C 42 5.28 -36.98 -13.34
C HIS C 42 5.28 -35.93 -12.25
N VAL C 43 6.09 -34.90 -12.44
CA VAL C 43 6.23 -33.79 -11.52
C VAL C 43 5.18 -32.73 -11.86
N LYS C 44 4.63 -32.11 -10.82
CA LYS C 44 3.71 -31.00 -11.02
C LYS C 44 4.23 -29.73 -10.37
N ILE C 45 4.39 -28.70 -11.20
CA ILE C 45 4.82 -27.38 -10.77
C ILE C 45 3.66 -26.43 -11.03
N CYS C 46 3.08 -25.91 -9.95
CA CYS C 46 1.81 -25.18 -10.02
C CYS C 46 2.01 -23.68 -10.16
N ALA C 47 0.92 -22.98 -10.48
CA ALA C 47 0.97 -21.54 -10.65
C ALA C 47 1.45 -20.89 -9.37
N GLY C 48 2.35 -19.91 -9.52
CA GLY C 48 2.88 -19.17 -8.38
C GLY C 48 4.26 -19.64 -7.94
N SER C 49 4.77 -20.69 -8.59
CA SER C 49 6.06 -21.25 -8.20
C SER C 49 7.20 -20.46 -8.82
N GLU C 50 8.07 -19.96 -7.96
CA GLU C 50 9.26 -19.24 -8.39
C GLU C 50 10.45 -20.02 -7.89
N ILE C 51 11.11 -20.69 -8.83
CA ILE C 51 12.14 -21.67 -8.55
C ILE C 51 13.48 -21.13 -9.05
N GLY C 52 14.50 -21.29 -8.21
CA GLY C 52 15.83 -20.77 -8.48
C GLY C 52 16.67 -21.74 -9.28
N LYS C 53 17.97 -21.66 -9.07
CA LYS C 53 18.94 -22.36 -9.92
C LYS C 53 19.38 -23.70 -9.34
N PHE C 54 19.65 -24.65 -10.24
CA PHE C 54 20.27 -25.95 -9.93
C PHE C 54 19.52 -26.80 -8.91
N ASN C 55 18.19 -26.73 -8.95
CA ASN C 55 17.35 -27.61 -8.14
C ASN C 55 17.03 -28.88 -8.91
N ARG C 56 16.63 -29.92 -8.18
CA ARG C 56 16.15 -31.14 -8.80
C ARG C 56 14.81 -31.54 -8.20
N PHE C 57 13.89 -31.91 -9.06
CA PHE C 57 12.58 -32.38 -8.65
C PHE C 57 12.41 -33.81 -9.15
N HIS C 58 12.48 -34.75 -8.21
CA HIS C 58 12.38 -36.16 -8.53
C HIS C 58 10.95 -36.58 -8.85
N GLN C 59 10.82 -37.73 -9.49
CA GLN C 59 9.54 -38.27 -9.94
C GLN C 59 8.40 -38.08 -8.94
N GLY C 60 7.33 -37.44 -9.39
CA GLY C 60 6.09 -37.35 -8.61
C GLY C 60 6.00 -36.23 -7.60
N ALA C 61 7.06 -35.42 -7.49
CA ALA C 61 7.03 -34.28 -6.58
C ALA C 61 6.02 -33.24 -7.06
N VAL C 62 5.26 -32.69 -6.11
CA VAL C 62 4.28 -31.68 -6.41
C VAL C 62 4.64 -30.39 -5.68
N ILE C 63 4.64 -29.29 -6.42
CA ILE C 63 5.14 -28.00 -5.94
C ILE C 63 4.10 -26.89 -6.14
N GLY C 64 3.73 -26.24 -5.05
CA GLY C 64 2.80 -25.13 -5.10
C GLY C 64 1.34 -25.54 -5.17
N VAL C 65 1.04 -26.77 -4.75
CA VAL C 65 -0.34 -27.24 -4.72
C VAL C 65 -1.11 -26.47 -3.65
N MET C 66 -2.43 -26.57 -3.71
CA MET C 66 -3.31 -25.80 -2.84
C MET C 66 -3.04 -26.08 -1.36
N PRO C 67 -3.07 -25.01 -0.53
CA PRO C 67 -3.01 -25.18 0.90
C PRO C 67 -4.08 -26.15 1.41
N GLN C 68 -3.71 -26.94 2.42
CA GLN C 68 -4.67 -27.74 3.15
C GLN C 68 -5.19 -26.86 4.28
N ASP C 69 -6.06 -25.94 3.85
CA ASP C 69 -6.66 -24.92 4.68
C ASP C 69 -8.06 -24.73 4.09
N LEU C 70 -9.09 -25.03 4.89
CA LEU C 70 -10.48 -24.94 4.40
C LEU C 70 -10.92 -23.51 4.10
N GLY C 71 -10.27 -22.54 4.75
CA GLY C 71 -10.64 -21.14 4.61
C GLY C 71 -9.89 -20.38 3.53
N PHE C 72 -8.99 -21.06 2.83
CA PHE C 72 -8.19 -20.44 1.78
C PHE C 72 -9.02 -20.21 0.52
N ASN C 73 -8.90 -19.01 -0.07
CA ASN C 73 -9.57 -18.65 -1.32
C ASN C 73 -8.71 -19.15 -2.50
N GLN C 74 -9.19 -20.19 -3.18
CA GLN C 74 -8.41 -20.85 -4.22
C GLN C 74 -8.28 -20.04 -5.51
N GLN C 75 -8.99 -18.89 -5.56
CA GLN C 75 -8.84 -17.95 -6.67
C GLN C 75 -7.77 -16.89 -6.43
N LEU C 76 -6.98 -17.07 -5.38
CA LEU C 76 -5.86 -16.18 -5.08
C LEU C 76 -4.58 -16.69 -5.69
N LEU C 77 -3.86 -15.83 -6.40
CA LEU C 77 -2.53 -16.17 -6.91
C LEU C 77 -1.51 -16.04 -5.77
N THR C 78 -1.25 -17.15 -5.08
CA THR C 78 -0.29 -17.15 -3.99
C THR C 78 0.94 -17.94 -4.39
N LYS C 79 2.02 -17.78 -3.64
CA LYS C 79 3.35 -18.17 -4.15
C LYS C 79 4.15 -19.20 -3.34
N THR C 80 4.99 -19.91 -4.07
CA THR C 80 6.01 -20.77 -3.49
C THR C 80 7.33 -20.26 -4.04
N VAL C 81 8.18 -19.80 -3.14
CA VAL C 81 9.49 -19.25 -3.48
C VAL C 81 10.56 -20.24 -3.04
N ILE C 82 11.27 -20.80 -4.03
CA ILE C 82 12.31 -21.81 -3.82
C ILE C 82 13.63 -21.24 -4.34
N GLY C 83 14.69 -21.29 -3.53
CA GLY C 83 16.01 -20.77 -3.92
C GLY C 83 16.78 -21.75 -4.79
N ASP C 84 18.07 -21.88 -4.50
CA ASP C 84 19.01 -22.63 -5.32
C ASP C 84 19.49 -23.94 -4.69
N HIS C 85 19.83 -24.91 -5.53
CA HIS C 85 20.54 -26.13 -5.12
C HIS C 85 19.77 -27.03 -4.15
N ASN C 86 18.45 -26.97 -4.24
CA ASN C 86 17.57 -27.83 -3.45
C ASN C 86 17.24 -29.13 -4.19
N ILE C 87 16.93 -30.17 -3.44
CA ILE C 87 16.55 -31.46 -4.01
C ILE C 87 15.19 -31.82 -3.40
N PHE C 88 14.25 -32.17 -4.27
CA PHE C 88 12.91 -32.56 -3.86
C PHE C 88 12.71 -34.01 -4.33
N ARG C 89 12.66 -34.94 -3.38
CA ARG C 89 12.60 -36.36 -3.72
C ARG C 89 11.19 -36.80 -4.12
N GLU C 90 11.06 -38.10 -4.39
CA GLU C 90 9.86 -38.67 -4.96
C GLU C 90 8.62 -38.44 -4.11
N TYR C 91 7.63 -37.81 -4.71
CA TYR C 91 6.32 -37.54 -4.08
C TYR C 91 6.39 -36.60 -2.87
N SER C 92 7.48 -35.83 -2.81
CA SER C 92 7.54 -34.72 -1.87
C SER C 92 6.46 -33.72 -2.29
N ASN C 93 5.93 -33.00 -1.31
CA ASN C 93 4.68 -32.28 -1.48
C ASN C 93 4.83 -30.93 -0.80
N ILE C 94 4.97 -29.87 -1.60
CA ILE C 94 5.19 -28.51 -1.08
C ILE C 94 3.99 -27.63 -1.41
N HIS C 95 3.43 -27.01 -0.37
CA HIS C 95 2.22 -26.20 -0.50
C HIS C 95 2.56 -24.72 -0.56
N LYS C 96 1.77 -23.96 -1.34
CA LYS C 96 1.96 -22.52 -1.55
C LYS C 96 1.34 -21.73 -0.42
N GLY C 97 1.56 -20.41 -0.43
CA GLY C 97 1.04 -19.53 0.64
C GLY C 97 -0.46 -19.34 0.64
N THR C 98 -0.98 -18.69 1.70
CA THR C 98 -2.42 -18.43 1.81
C THR C 98 -2.85 -16.96 1.58
N LYS C 99 -1.87 -16.06 1.51
CA LYS C 99 -2.12 -14.68 1.11
C LYS C 99 -1.17 -14.30 -0.02
N GLU C 100 -1.57 -13.27 -0.78
CA GLU C 100 -0.75 -12.71 -1.85
C GLU C 100 0.55 -12.08 -1.33
N ASP C 101 0.53 -11.57 -0.09
CA ASP C 101 1.74 -11.08 0.58
C ASP C 101 2.37 -12.08 1.58
N SER C 102 1.94 -13.35 1.52
CA SER C 102 2.46 -14.41 2.40
C SER C 102 2.77 -15.71 1.65
N PRO C 103 3.98 -15.82 1.09
CA PRO C 103 4.37 -17.04 0.35
C PRO C 103 4.88 -18.18 1.25
N THR C 104 5.02 -19.36 0.68
CA THR C 104 5.87 -20.41 1.25
C THR C 104 7.29 -20.13 0.75
N VAL C 105 8.27 -20.14 1.66
CA VAL C 105 9.63 -19.73 1.33
C VAL C 105 10.62 -20.80 1.73
N ILE C 106 11.39 -21.25 0.74
CA ILE C 106 12.44 -22.23 0.90
C ILE C 106 13.72 -21.59 0.40
N GLY C 107 14.79 -21.73 1.19
CA GLY C 107 16.08 -21.14 0.87
C GLY C 107 16.89 -22.00 -0.09
N ASN C 108 18.17 -22.20 0.26
CA ASN C 108 19.11 -22.92 -0.62
C ASN C 108 19.67 -24.18 0.03
N LYS C 109 20.00 -25.17 -0.81
CA LYS C 109 20.70 -26.40 -0.40
C LYS C 109 19.95 -27.27 0.64
N ASN C 110 18.62 -27.23 0.58
CA ASN C 110 17.78 -28.08 1.43
C ASN C 110 17.48 -29.39 0.71
N TYR C 111 17.16 -30.43 1.50
CA TYR C 111 16.92 -31.76 0.99
C TYR C 111 15.58 -32.26 1.49
N PHE C 112 14.66 -32.53 0.58
CA PHE C 112 13.34 -32.99 0.94
C PHE C 112 13.19 -34.43 0.49
N MET C 113 13.20 -35.35 1.45
CA MET C 113 13.14 -36.78 1.13
C MET C 113 11.75 -37.20 0.68
N GLY C 114 11.65 -38.41 0.15
CA GLY C 114 10.40 -38.91 -0.42
C GLY C 114 9.26 -38.77 0.55
N ASN C 115 8.09 -38.40 0.03
CA ASN C 115 6.88 -38.25 0.84
C ASN C 115 6.91 -37.15 1.92
N SER C 116 7.95 -36.32 1.92
CA SER C 116 8.00 -35.25 2.90
C SER C 116 7.08 -34.10 2.47
N HIS C 117 6.56 -33.38 3.47
CA HIS C 117 5.53 -32.38 3.25
C HIS C 117 5.83 -31.07 3.97
N VAL C 118 5.69 -29.97 3.24
CA VAL C 118 5.85 -28.62 3.77
C VAL C 118 4.54 -27.87 3.58
N GLY C 119 3.87 -27.57 4.68
CA GLY C 119 2.54 -26.94 4.64
C GLY C 119 2.55 -25.49 4.20
N HIS C 120 1.36 -24.92 4.03
CA HIS C 120 1.19 -23.53 3.59
C HIS C 120 1.89 -22.54 4.51
N ASP C 121 2.56 -21.56 3.90
CA ASP C 121 3.19 -20.43 4.62
C ASP C 121 4.37 -20.81 5.50
N CYS C 122 4.94 -21.99 5.29
CA CYS C 122 6.18 -22.34 5.96
C CYS C 122 7.33 -21.45 5.48
N ILE C 123 8.31 -21.24 6.35
CA ILE C 123 9.53 -20.50 6.03
C ILE C 123 10.70 -21.38 6.45
N LEU C 124 11.50 -21.78 5.45
CA LEU C 124 12.69 -22.59 5.67
C LEU C 124 13.91 -21.80 5.21
N GLY C 125 14.96 -21.85 6.00
CA GLY C 125 16.24 -21.24 5.62
C GLY C 125 17.04 -22.13 4.68
N ASN C 126 18.31 -22.32 4.99
CA ASN C 126 19.26 -23.04 4.13
C ASN C 126 19.80 -24.32 4.77
N ASN C 127 20.18 -25.29 3.92
CA ASN C 127 20.88 -26.51 4.36
C ASN C 127 20.10 -27.43 5.30
N ASN C 128 18.77 -27.33 5.27
CA ASN C 128 17.92 -28.17 6.11
C ASN C 128 17.64 -29.51 5.46
N ILE C 129 17.41 -30.54 6.26
CA ILE C 129 17.02 -31.85 5.75
C ILE C 129 15.67 -32.25 6.36
N LEU C 130 14.73 -32.60 5.49
CA LEU C 130 13.42 -33.13 5.86
C LEU C 130 13.39 -34.60 5.43
N THR C 131 13.52 -35.47 6.44
CA THR C 131 13.67 -36.89 6.19
C THR C 131 12.33 -37.51 5.76
N HIS C 132 12.40 -38.76 5.33
CA HIS C 132 11.29 -39.46 4.69
C HIS C 132 9.98 -39.44 5.47
N GLY C 133 8.90 -39.00 4.82
CA GLY C 133 7.57 -39.04 5.41
C GLY C 133 7.31 -37.98 6.47
N ALA C 134 8.28 -37.11 6.73
CA ALA C 134 8.12 -36.07 7.75
C ALA C 134 7.20 -34.96 7.26
N VAL C 135 6.39 -34.42 8.17
CA VAL C 135 5.39 -33.41 7.82
C VAL C 135 5.51 -32.14 8.67
N LEU C 136 5.57 -31.00 7.99
CA LEU C 136 5.46 -29.71 8.63
C LEU C 136 4.06 -29.16 8.37
N ALA C 137 3.37 -28.76 9.45
CA ALA C 137 2.08 -28.10 9.33
C ALA C 137 2.28 -26.75 8.67
N GLY C 138 1.19 -26.04 8.40
CA GLY C 138 1.29 -24.68 7.89
C GLY C 138 2.05 -23.84 8.89
N HIS C 139 2.66 -22.75 8.42
CA HIS C 139 3.28 -21.77 9.31
C HIS C 139 4.34 -22.35 10.25
N VAL C 140 5.16 -23.29 9.75
CA VAL C 140 6.32 -23.76 10.48
C VAL C 140 7.55 -23.05 9.91
N THR C 141 8.49 -22.74 10.78
CA THR C 141 9.68 -22.00 10.42
C THR C 141 10.91 -22.83 10.81
N LEU C 142 11.77 -23.08 9.84
CA LEU C 142 13.08 -23.63 10.13
C LEU C 142 14.11 -22.55 9.85
N GLY C 143 15.19 -22.58 10.65
CA GLY C 143 16.36 -21.76 10.38
C GLY C 143 17.24 -22.46 9.36
N ASN C 144 18.51 -22.59 9.70
CA ASN C 144 19.52 -23.19 8.82
C ASN C 144 20.08 -24.45 9.44
N PHE C 145 20.45 -25.42 8.60
CA PHE C 145 21.09 -26.68 9.04
C PHE C 145 20.30 -27.48 10.07
N ALA C 146 18.98 -27.43 9.99
CA ALA C 146 18.16 -28.25 10.87
C ALA C 146 17.97 -29.61 10.22
N PHE C 147 17.93 -30.63 11.07
CA PHE C 147 17.69 -31.99 10.63
C PHE C 147 16.40 -32.51 11.28
N ILE C 148 15.40 -32.73 10.46
CA ILE C 148 14.13 -33.29 10.86
C ILE C 148 14.16 -34.73 10.37
N SER C 149 14.10 -35.68 11.31
CA SER C 149 14.15 -37.10 10.99
C SER C 149 12.82 -37.63 10.42
N GLY C 150 12.76 -38.95 10.21
CA GLY C 150 11.64 -39.57 9.50
C GLY C 150 10.36 -39.62 10.32
N LEU C 151 9.24 -39.40 9.63
CA LEU C 151 7.89 -39.46 10.23
C LEU C 151 7.67 -38.54 11.44
N VAL C 152 8.38 -37.42 11.44
CA VAL C 152 8.21 -36.37 12.44
C VAL C 152 7.00 -35.54 12.03
N ALA C 153 6.24 -35.06 13.02
CA ALA C 153 5.19 -34.08 12.77
C ALA C 153 5.45 -32.81 13.58
N VAL C 154 5.51 -31.67 12.90
CA VAL C 154 5.72 -30.38 13.55
C VAL C 154 4.42 -29.56 13.49
N HIS C 155 4.00 -29.07 14.65
CA HIS C 155 2.78 -28.29 14.82
C HIS C 155 2.92 -26.90 14.21
N GLN C 156 1.82 -26.39 13.65
CA GLN C 156 1.76 -25.04 13.12
C GLN C 156 2.28 -24.01 14.12
N PHE C 157 2.99 -23.01 13.60
CA PHE C 157 3.51 -21.88 14.39
C PHE C 157 4.68 -22.22 15.31
N CYS C 158 5.25 -23.40 15.13
CA CYS C 158 6.51 -23.74 15.78
C CYS C 158 7.68 -23.23 14.97
N PHE C 159 8.76 -22.90 15.68
CA PHE C 159 10.04 -22.50 15.10
C PHE C 159 11.04 -23.59 15.40
N VAL C 160 11.93 -23.87 14.43
CA VAL C 160 13.01 -24.85 14.60
C VAL C 160 14.35 -24.13 14.43
N GLY C 161 15.14 -24.10 15.50
CA GLY C 161 16.43 -23.40 15.54
C GLY C 161 17.54 -24.04 14.70
N ASP C 162 18.53 -23.24 14.34
CA ASP C 162 19.70 -23.69 13.59
C ASP C 162 20.38 -24.88 14.22
N TYR C 163 20.85 -25.78 13.38
CA TYR C 163 21.73 -26.86 13.82
C TYR C 163 21.09 -27.74 14.88
N SER C 164 19.76 -27.84 14.84
CA SER C 164 19.01 -28.70 15.73
C SER C 164 18.66 -30.05 15.07
N MET C 165 18.30 -31.01 15.91
CA MET C 165 17.97 -32.37 15.48
C MET C 165 16.63 -32.80 16.11
N VAL C 166 15.70 -33.21 15.26
CA VAL C 166 14.45 -33.80 15.70
C VAL C 166 14.50 -35.27 15.33
N ALA C 167 14.42 -36.13 16.35
CA ALA C 167 14.56 -37.57 16.20
C ALA C 167 13.33 -38.12 15.48
N GLY C 168 13.44 -39.33 14.94
CA GLY C 168 12.36 -39.93 14.16
C GLY C 168 11.07 -40.09 14.95
N LEU C 169 9.92 -39.85 14.30
CA LEU C 169 8.59 -40.02 14.92
C LEU C 169 8.28 -39.06 16.08
N ALA C 170 9.04 -37.96 16.17
CA ALA C 170 8.81 -36.98 17.23
C ALA C 170 7.59 -36.14 16.93
N LYS C 171 6.78 -35.95 17.97
CA LYS C 171 5.63 -35.07 17.89
C LYS C 171 6.03 -33.70 18.45
N VAL C 172 6.20 -32.74 17.56
CA VAL C 172 6.68 -31.42 17.95
C VAL C 172 5.51 -30.47 18.11
N VAL C 173 5.30 -30.01 19.34
CA VAL C 173 4.20 -29.10 19.68
C VAL C 173 4.68 -27.72 20.14
N GLN C 174 5.96 -27.59 20.44
CA GLN C 174 6.57 -26.31 20.84
C GLN C 174 7.91 -26.10 20.13
N ASP C 175 8.55 -24.95 20.34
CA ASP C 175 9.76 -24.65 19.59
C ASP C 175 10.87 -25.67 19.84
N VAL C 176 11.70 -25.90 18.83
CA VAL C 176 12.89 -26.72 19.00
C VAL C 176 14.09 -25.77 19.05
N PRO C 177 14.75 -25.68 20.23
CA PRO C 177 15.78 -24.67 20.40
C PRO C 177 17.03 -24.98 19.58
N PRO C 178 17.84 -23.95 19.26
CA PRO C 178 19.00 -24.24 18.41
C PRO C 178 20.03 -25.15 19.09
N TYR C 179 20.78 -25.89 18.29
CA TYR C 179 21.88 -26.75 18.74
C TYR C 179 21.43 -27.95 19.55
N SER C 180 20.11 -28.18 19.59
CA SER C 180 19.54 -29.16 20.50
C SER C 180 18.95 -30.38 19.80
N THR C 181 18.74 -31.44 20.57
CA THR C 181 18.08 -32.66 20.09
C THR C 181 16.73 -32.82 20.77
N VAL C 182 15.72 -33.12 19.97
CA VAL C 182 14.35 -33.27 20.47
C VAL C 182 13.81 -34.63 20.03
N ASP C 183 13.22 -35.35 20.97
CA ASP C 183 12.77 -36.71 20.72
C ASP C 183 11.50 -36.99 21.52
N GLY C 184 10.60 -37.77 20.95
CA GLY C 184 9.52 -38.37 21.72
C GLY C 184 8.10 -38.02 21.37
N ASN C 185 7.20 -38.77 22.00
CA ASN C 185 5.81 -38.37 22.08
C ASN C 185 5.22 -38.67 23.48
N PRO C 186 5.12 -37.63 24.34
CA PRO C 186 5.42 -36.22 24.06
C PRO C 186 6.91 -35.95 23.93
N SER C 187 7.29 -35.04 23.04
CA SER C 187 8.70 -34.78 22.80
C SER C 187 9.30 -33.85 23.83
N THR C 188 10.61 -34.02 24.03
CA THR C 188 11.37 -33.24 24.99
C THR C 188 12.71 -32.92 24.37
N VAL C 189 13.36 -31.88 24.88
CA VAL C 189 14.76 -31.62 24.56
C VAL C 189 15.55 -32.65 25.35
N VAL C 190 16.25 -33.52 24.64
CA VAL C 190 16.97 -34.59 25.29
C VAL C 190 18.38 -34.13 25.63
N GLY C 191 18.91 -33.25 24.80
CA GLY C 191 20.25 -32.68 25.02
C GLY C 191 20.74 -31.85 23.85
N LEU C 192 22.06 -31.77 23.72
CA LEU C 192 22.72 -31.04 22.63
C LEU C 192 22.88 -31.88 21.38
N ASN C 193 22.78 -31.23 20.23
CA ASN C 193 23.09 -31.86 18.95
C ASN C 193 24.59 -31.76 18.72
N SER C 194 25.35 -32.56 19.46
CA SER C 194 26.81 -32.56 19.41
C SER C 194 27.34 -32.91 18.01
N VAL C 195 26.80 -33.98 17.45
CA VAL C 195 27.14 -34.44 16.10
C VAL C 195 26.92 -33.32 15.07
N GLY C 196 25.83 -32.59 15.22
CA GLY C 196 25.50 -31.50 14.30
C GLY C 196 26.45 -30.32 14.38
N MET C 197 26.92 -30.03 15.60
CA MET C 197 27.84 -28.90 15.81
C MET C 197 29.26 -29.22 15.36
N LYS C 198 29.71 -30.46 15.54
CA LYS C 198 31.02 -30.90 15.07
C LYS C 198 31.20 -30.73 13.56
N ARG C 199 30.17 -31.13 12.81
CA ARG C 199 30.14 -31.01 11.34
C ARG C 199 30.21 -29.57 10.86
N ALA C 200 29.83 -28.65 11.74
CA ALA C 200 29.67 -27.24 11.39
C ALA C 200 30.83 -26.36 11.83
N GLY C 201 31.98 -26.98 12.09
CA GLY C 201 33.21 -26.24 12.41
C GLY C 201 33.21 -25.52 13.75
N PHE C 202 32.14 -25.67 14.50
CA PHE C 202 32.04 -25.11 15.85
C PHE C 202 33.28 -25.58 16.60
N SER C 203 34.09 -24.63 17.04
CA SER C 203 35.28 -24.92 17.82
C SER C 203 34.90 -25.55 19.17
N PRO C 204 35.83 -26.30 19.79
CA PRO C 204 35.57 -26.82 21.13
C PRO C 204 35.03 -25.75 22.10
N GLU C 205 35.58 -24.53 22.05
CA GLU C 205 35.15 -23.43 22.94
C GLU C 205 33.70 -23.02 22.70
N VAL C 206 33.32 -22.90 21.43
CA VAL C 206 31.96 -22.57 21.02
C VAL C 206 30.98 -23.64 21.54
N ARG C 207 31.32 -24.90 21.29
CA ARG C 207 30.54 -26.03 21.78
CA ARG C 207 30.55 -26.05 21.79
C ARG C 207 30.41 -25.99 23.31
N ASN C 208 31.53 -25.70 23.97
CA ASN C 208 31.62 -25.54 25.42
C ASN C 208 30.62 -24.48 25.94
N ALA C 209 30.60 -23.33 25.27
CA ALA C 209 29.78 -22.18 25.65
C ALA C 209 28.28 -22.44 25.46
N ILE C 210 27.93 -23.04 24.34
CA ILE C 210 26.56 -23.47 24.04
C ILE C 210 26.06 -24.48 25.07
N LYS C 211 26.94 -25.41 25.48
CA LYS C 211 26.65 -26.36 26.55
C LYS C 211 26.39 -25.67 27.89
N HIS C 212 27.27 -24.72 28.25
CA HIS C 212 27.10 -23.94 29.50
C HIS C 212 25.80 -23.13 29.54
N ALA C 213 25.41 -22.57 28.41
CA ALA C 213 24.13 -21.85 28.30
C ALA C 213 22.93 -22.76 28.65
N TYR C 214 22.85 -23.93 28.02
CA TYR C 214 21.77 -24.87 28.29
C TYR C 214 21.84 -25.55 29.68
N LYS C 215 23.02 -25.57 30.28
CA LYS C 215 23.16 -26.01 31.67
C LYS C 215 22.47 -25.03 32.60
N VAL C 216 22.64 -23.73 32.31
CA VAL C 216 22.00 -22.67 33.07
C VAL C 216 20.49 -22.73 32.85
N ILE C 217 20.09 -22.83 31.59
CA ILE C 217 18.67 -22.85 31.21
C ILE C 217 17.94 -24.09 31.75
N TYR C 218 18.58 -25.24 31.66
CA TYR C 218 17.90 -26.50 31.91
C TYR C 218 18.34 -27.26 33.15
N HIS C 219 19.56 -27.04 33.61
CA HIS C 219 20.11 -27.90 34.67
C HIS C 219 20.60 -27.17 35.92
N SER C 220 20.02 -26.02 36.24
CA SER C 220 20.49 -25.21 37.37
C SER C 220 19.45 -24.90 38.45
N GLY C 221 18.30 -25.57 38.37
CA GLY C 221 17.21 -25.37 39.34
C GLY C 221 16.54 -24.01 39.27
N ILE C 222 16.55 -23.38 38.10
CA ILE C 222 15.94 -22.05 37.95
C ILE C 222 15.06 -21.94 36.72
N SER C 223 14.06 -21.08 36.79
CA SER C 223 13.17 -20.81 35.67
C SER C 223 13.96 -20.31 34.47
N THR C 224 13.36 -20.48 33.29
CA THR C 224 13.97 -19.98 32.06
C THR C 224 14.21 -18.47 32.09
N ARG C 225 13.24 -17.71 32.63
CA ARG C 225 13.38 -16.26 32.70
C ARG C 225 14.61 -15.84 33.51
N LYS C 226 14.78 -16.42 34.70
CA LYS C 226 15.93 -16.12 35.54
C LYS C 226 17.26 -16.61 34.94
N ALA C 227 17.20 -17.74 34.24
CA ALA C 227 18.37 -18.35 33.61
C ALA C 227 18.93 -17.52 32.47
N LEU C 228 18.03 -16.98 31.65
CA LEU C 228 18.41 -16.08 30.56
C LEU C 228 19.04 -14.79 31.09
N ASP C 229 18.44 -14.23 32.15
CA ASP C 229 18.98 -13.04 32.82
C ASP C 229 20.38 -13.31 33.37
N GLU C 230 20.55 -14.52 33.90
CA GLU C 230 21.81 -14.94 34.52
C GLU C 230 22.93 -15.03 33.50
N LEU C 231 22.62 -15.51 32.30
CA LEU C 231 23.61 -15.64 31.24
C LEU C 231 24.09 -14.30 30.72
N GLU C 232 23.21 -13.30 30.81
CA GLU C 232 23.48 -11.94 30.32
C GLU C 232 24.35 -11.09 31.27
N ALA C 233 24.69 -11.66 32.42
CA ALA C 233 25.67 -11.05 33.32
C ALA C 233 27.04 -10.92 32.64
N SER C 234 27.40 -11.93 31.83
CA SER C 234 28.65 -11.95 31.06
C SER C 234 28.71 -10.92 29.94
N GLY C 235 29.85 -10.24 29.82
CA GLY C 235 30.12 -9.34 28.69
C GLY C 235 30.66 -10.10 27.47
N ASN C 236 31.19 -11.30 27.73
CA ASN C 236 31.81 -12.12 26.69
C ASN C 236 30.92 -13.24 26.18
N LEU C 237 29.61 -12.98 26.07
CA LEU C 237 28.69 -13.94 25.45
C LEU C 237 28.88 -13.96 23.93
N ILE C 238 29.15 -15.15 23.39
CA ILE C 238 29.24 -15.33 21.94
C ILE C 238 27.87 -15.16 21.25
N GLU C 239 27.93 -14.91 19.94
CA GLU C 239 26.74 -14.69 19.12
C GLU C 239 25.76 -15.88 19.09
N GLN C 240 26.29 -17.09 19.13
CA GLN C 240 25.48 -18.32 19.22
C GLN C 240 24.60 -18.35 20.47
N VAL C 241 25.16 -17.94 21.61
CA VAL C 241 24.45 -17.94 22.89
C VAL C 241 23.45 -16.79 22.96
N LYS C 242 23.83 -15.62 22.44
CA LYS C 242 22.90 -14.49 22.27
C LYS C 242 21.70 -14.90 21.43
N TYR C 243 21.96 -15.71 20.40
CA TYR C 243 20.92 -16.27 19.57
C TYR C 243 20.00 -17.20 20.38
N ILE C 244 20.57 -18.10 21.20
CA ILE C 244 19.78 -19.00 22.04
C ILE C 244 18.80 -18.20 22.91
N ILE C 245 19.33 -17.15 23.56
CA ILE C 245 18.57 -16.28 24.45
C ILE C 245 17.43 -15.59 23.71
N LYS C 246 17.75 -15.03 22.54
CA LYS C 246 16.78 -14.39 21.66
C LYS C 246 15.72 -15.38 21.20
N PHE C 247 16.13 -16.61 20.91
CA PHE C 247 15.21 -17.64 20.48
C PHE C 247 14.15 -17.94 21.54
N PHE C 248 14.58 -18.07 22.80
CA PHE C 248 13.66 -18.25 23.92
C PHE C 248 12.73 -17.06 24.13
N ARG C 249 13.27 -15.84 24.06
CA ARG C 249 12.46 -14.64 24.32
C ARG C 249 11.46 -14.35 23.20
N ASP C 250 11.79 -14.79 21.99
CA ASP C 250 10.95 -14.54 20.81
C ASP C 250 9.88 -15.59 20.58
N SER C 251 9.92 -16.67 21.36
CA SER C 251 9.01 -17.80 21.15
C SER C 251 7.54 -17.44 21.28
N ASP C 252 6.77 -17.82 20.28
CA ASP C 252 5.32 -17.64 20.30
C ASP C 252 4.63 -18.75 21.11
N ARG C 253 4.98 -20.01 20.85
CA ARG C 253 4.29 -21.13 21.48
C ARG C 253 4.98 -21.59 22.75
N GLY C 254 6.19 -21.07 23.01
CA GLY C 254 7.04 -21.59 24.08
C GLY C 254 8.02 -22.59 23.51
N VAL C 255 9.03 -22.93 24.29
CA VAL C 255 10.04 -23.85 23.85
C VAL C 255 9.75 -25.22 24.47
N THR C 256 9.96 -26.27 23.68
CA THR C 256 9.74 -27.66 24.11
C THR C 256 10.34 -27.92 25.50
N ASN C 257 9.62 -28.64 26.35
CA ASN C 257 10.09 -29.04 27.68
C ASN C 257 11.39 -29.84 27.59
N HIS C 258 12.31 -29.65 28.56
CA HIS C 258 13.47 -30.51 28.64
C HIS C 258 13.12 -31.81 29.34
N ARG C 259 13.77 -32.89 28.92
CA ARG C 259 13.61 -34.18 29.54
C ARG C 259 14.12 -34.15 30.98
#